data_4H0Y
#
_entry.id   4H0Y
#
_cell.length_a   53.869
_cell.length_b   134.936
_cell.length_c   154.336
_cell.angle_alpha   90.00
_cell.angle_beta   90.00
_cell.angle_gamma   90.00
#
_symmetry.space_group_name_H-M   'P 21 21 21'
#
loop_
_entity.id
_entity.type
_entity.pdbx_description
1 polymer 'Iota toxin component Ia'
2 polymer 'Actin, alpha skeletal muscle'
3 non-polymer NICOTINAMIDE-ADENINE-DINUCLEOTIDE
4 non-polymer 'PHOSPHATE ION'
5 non-polymer 1,2-ETHANEDIOL
6 non-polymer 'CALCIUM ION'
7 non-polymer "ADENOSINE-5'-TRIPHOSPHATE"
8 non-polymer 'LATRUNCULIN A'
9 water water
#
loop_
_entity_poly.entity_id
_entity_poly.type
_entity_poly.pdbx_seq_one_letter_code
_entity_poly.pdbx_strand_id
1 'polypeptide(L)'
;RGSHMAFIERPEDFLKDKENAIQWEKKEAERVEKNLDTLEKEALELYKKDSEQISNYSQTRQYFYDYQIESNPREKEYKN
LRNAISKNKIDKPINVYYFESPEKFAFNKEIRTENQNEISLEKFNELKETIQDKLFKQDGFKDVSLYEPGNGDEKPTPLL
IHLKLPKNTGMLPYINSNDVKTLIEQDYSIKIDKIVRIVIEGKQYIKAEASIVNSLDFKDDVSKGDLWGKENYSDWSNKL
TPNELADVNDYMRGGYTAINNYLISNGPLNNPNPELDSKVNNIENALKLTPIPSNLIVYRRSGPQEFGLTLTSPEYDFNK
IENIDAFKEKWEGKVITYPNFISTSIGSVNMSAFAKRKIILRINIPKDSPGAYLSAIPGYAGEYSVLLNHGSKFKINKVD
SYKDGTVTKLILDATLIN
;
A
2 'polypeptide(L)'
;DEDETTALVCDNGSGLVKAGFAGDDAPRAVFPSIVGRPRHQGVMVGMGQKDSYVGDEAQSKRGILTLKYPIEHGIITNWD
DMEKIWHHTFYNELRVAPEEHPTLLTEAPLNPKANREKMTQIMFETFNVPAMYVAIQAVLSLYASGRTTGIVLDSGDGVT
HNVPIYEGYALPHAIMRLDLAGRDLTDYLMKILTERGYSFVTTAEREIVRDIKEKLCYVALDFENEMATAASSSSLEKSY
ELPDGQVITIGNERFRCPETLFQPSFIGMESAGIHETTYNSIMKCDIDIRKDLYANNVMSGGTTMYPGIADRMQKEITAL
APSTMKIKIIAPPERKYSVWIGGSILASLSTFQQMWITKQEYDEAGPSIVHRKCF
;
B
#
loop_
_chem_comp.id
_chem_comp.type
_chem_comp.name
_chem_comp.formula
ATP non-polymer ADENOSINE-5'-TRIPHOSPHATE 'C10 H16 N5 O13 P3'
CA non-polymer 'CALCIUM ION' 'Ca 2'
EDO non-polymer 1,2-ETHANEDIOL 'C2 H6 O2'
LAR non-polymer 'LATRUNCULIN A' 'C22 H31 N O5 S'
NAD non-polymer NICOTINAMIDE-ADENINE-DINUCLEOTIDE 'C21 H27 N7 O14 P2'
PO4 non-polymer 'PHOSPHATE ION' 'O4 P -3'
#
# COMPACT_ATOMS: atom_id res chain seq x y z
N ALA A 6 -5.03 31.15 -46.66
CA ALA A 6 -4.15 30.42 -45.69
C ALA A 6 -2.67 30.58 -45.99
N PHE A 7 -1.87 30.69 -44.93
CA PHE A 7 -0.42 30.66 -45.04
C PHE A 7 0.08 29.23 -45.24
N ILE A 8 1.35 29.11 -45.62
CA ILE A 8 2.01 27.83 -45.84
C ILE A 8 2.28 27.13 -44.50
N GLU A 9 2.39 27.92 -43.44
CA GLU A 9 2.61 27.35 -42.10
C GLU A 9 1.38 27.68 -41.23
N ARG A 10 0.92 26.68 -40.46
CA ARG A 10 -0.25 26.86 -39.58
C ARG A 10 0.06 27.88 -38.48
N PRO A 11 -0.96 28.62 -38.00
CA PRO A 11 -0.76 29.46 -36.83
C PRO A 11 -0.77 28.60 -35.57
N GLU A 12 -0.33 29.19 -34.45
CA GLU A 12 -0.46 28.54 -33.15
C GLU A 12 -1.93 28.51 -32.68
N ASP A 13 -2.76 29.38 -33.24
CA ASP A 13 -4.17 29.45 -32.87
C ASP A 13 -5.00 29.85 -34.08
N PHE A 14 -5.90 28.97 -34.52
CA PHE A 14 -6.77 29.29 -35.65
C PHE A 14 -7.85 30.32 -35.30
N LEU A 15 -8.08 30.55 -34.00
CA LEU A 15 -9.08 31.51 -33.52
C LEU A 15 -10.48 31.17 -34.09
N LYS A 16 -11.13 32.11 -34.79
CA LYS A 16 -12.46 31.86 -35.37
C LYS A 16 -12.42 31.42 -36.83
N ASP A 17 -11.23 31.13 -37.33
CA ASP A 17 -11.05 30.67 -38.71
C ASP A 17 -11.32 29.17 -38.79
N LYS A 18 -12.61 28.86 -38.76
CA LYS A 18 -13.10 27.49 -38.71
C LYS A 18 -12.81 26.77 -40.02
N GLU A 19 -13.00 27.47 -41.13
CA GLU A 19 -12.79 26.87 -42.44
C GLU A 19 -11.33 26.44 -42.68
N ASN A 20 -10.34 27.27 -42.30
CA ASN A 20 -8.94 26.84 -42.43
C ASN A 20 -8.56 25.77 -41.41
N ALA A 21 -9.10 25.86 -40.20
CA ALA A 21 -8.83 24.87 -39.15
C ALA A 21 -9.27 23.46 -39.57
N ILE A 22 -10.48 23.37 -40.13
CA ILE A 22 -11.06 22.10 -40.56
C ILE A 22 -10.30 21.52 -41.75
N GLN A 23 -9.97 22.37 -42.71
CA GLN A 23 -9.22 21.93 -43.90
C GLN A 23 -7.81 21.46 -43.53
N TRP A 24 -7.15 22.21 -42.65
CA TRP A 24 -5.81 21.85 -42.22
C TRP A 24 -5.81 20.52 -41.47
N GLU A 25 -6.77 20.37 -40.55
CA GLU A 25 -6.87 19.17 -39.75
C GLU A 25 -7.31 17.96 -40.59
N LYS A 26 -8.09 18.21 -41.64
CA LYS A 26 -8.43 17.15 -42.61
C LYS A 26 -7.18 16.61 -43.34
N LYS A 27 -6.29 17.52 -43.77
CA LYS A 27 -5.00 17.12 -44.38
C LYS A 27 -4.15 16.34 -43.41
N GLU A 28 -4.15 16.82 -42.18
CA GLU A 28 -3.43 16.20 -41.07
C GLU A 28 -3.98 14.79 -40.78
N ALA A 29 -5.30 14.63 -40.80
CA ALA A 29 -5.92 13.32 -40.62
C ALA A 29 -5.48 12.34 -41.72
N GLU A 30 -5.44 12.82 -42.97
CA GLU A 30 -4.98 12.04 -44.11
C GLU A 30 -3.51 11.64 -44.00
N ARG A 31 -2.68 12.57 -43.54
CA ARG A 31 -1.27 12.30 -43.36
C ARG A 31 -1.00 11.26 -42.24
N VAL A 32 -1.70 11.37 -41.12
CA VAL A 32 -1.46 10.48 -39.96
C VAL A 32 -1.97 9.06 -40.22
N GLU A 33 -3.03 8.94 -41.02
CA GLU A 33 -3.49 7.65 -41.53
C GLU A 33 -2.34 6.82 -42.16
N LYS A 34 -1.35 7.49 -42.74
CA LYS A 34 -0.17 6.82 -43.30
C LYS A 34 0.77 6.23 -42.25
N ASN A 35 0.58 6.62 -40.98
CA ASN A 35 1.50 6.24 -39.90
C ASN A 35 0.86 5.36 -38.82
N LEU A 36 -0.44 5.05 -38.95
CA LEU A 36 -1.15 4.16 -38.02
C LEU A 36 -1.17 2.74 -38.57
N ASP A 37 -0.78 1.76 -37.76
CA ASP A 37 -0.88 0.36 -38.18
C ASP A 37 -2.32 -0.12 -37.99
N THR A 38 -2.60 -1.35 -38.37
CA THR A 38 -3.96 -1.84 -38.39
C THR A 38 -4.59 -1.85 -36.99
N LEU A 39 -3.80 -2.21 -35.99
CA LEU A 39 -4.26 -2.24 -34.61
C LEU A 39 -4.63 -0.85 -34.09
N GLU A 40 -3.80 0.14 -34.42
CA GLU A 40 -4.12 1.53 -34.08
C GLU A 40 -5.38 2.04 -34.79
N LYS A 41 -5.55 1.68 -36.06
CA LYS A 41 -6.76 2.08 -36.80
C LYS A 41 -7.98 1.41 -36.20
N GLU A 42 -7.82 0.16 -35.79
CA GLU A 42 -8.91 -0.56 -35.10
C GLU A 42 -9.28 0.12 -33.79
N ALA A 43 -8.26 0.56 -33.05
CA ALA A 43 -8.46 1.27 -31.79
C ALA A 43 -9.27 2.54 -32.01
N LEU A 44 -8.95 3.27 -33.07
CA LEU A 44 -9.65 4.51 -33.41
C LEU A 44 -11.12 4.22 -33.74
N GLU A 45 -11.36 3.17 -34.54
CA GLU A 45 -12.73 2.81 -34.93
C GLU A 45 -13.59 2.47 -33.72
N LEU A 46 -13.03 1.72 -32.78
CA LEU A 46 -13.75 1.36 -31.56
C LEU A 46 -14.06 2.60 -30.73
N TYR A 47 -13.10 3.52 -30.69
CA TYR A 47 -13.28 4.79 -29.99
C TYR A 47 -14.45 5.57 -30.56
N LYS A 48 -14.53 5.67 -31.89
CA LYS A 48 -15.65 6.37 -32.51
C LYS A 48 -16.98 5.76 -32.08
N LYS A 49 -16.98 4.44 -31.89
CA LYS A 49 -18.22 3.71 -31.58
C LYS A 49 -18.54 3.69 -30.08
N ASP A 50 -17.54 3.89 -29.22
CA ASP A 50 -17.74 3.76 -27.77
C ASP A 50 -16.88 4.75 -26.98
N SER A 51 -16.89 6.02 -27.39
CA SER A 51 -15.96 7.03 -26.85
C SER A 51 -16.12 7.32 -25.36
N GLU A 52 -17.37 7.38 -24.89
CA GLU A 52 -17.62 7.78 -23.51
C GLU A 52 -17.05 6.76 -22.52
N GLN A 53 -17.31 5.48 -22.77
CA GLN A 53 -16.82 4.40 -21.89
C GLN A 53 -15.31 4.24 -21.99
N ILE A 54 -14.77 4.41 -23.18
CA ILE A 54 -13.33 4.30 -23.39
C ILE A 54 -12.61 5.45 -22.70
N SER A 55 -13.17 6.64 -22.79
CA SER A 55 -12.63 7.80 -22.07
C SER A 55 -12.74 7.61 -20.56
N ASN A 56 -13.90 7.13 -20.09
CA ASN A 56 -14.11 6.85 -18.67
C ASN A 56 -13.06 5.89 -18.13
N TYR A 57 -12.84 4.79 -18.84
CA TYR A 57 -11.82 3.82 -18.45
C TYR A 57 -10.44 4.47 -18.37
N SER A 58 -10.10 5.31 -19.36
CA SER A 58 -8.78 5.97 -19.42
C SER A 58 -8.50 6.92 -18.24
N GLN A 59 -9.55 7.31 -17.50
CA GLN A 59 -9.40 8.25 -16.38
C GLN A 59 -9.14 7.61 -15.02
N THR A 60 -9.60 6.37 -14.84
CA THR A 60 -9.54 5.71 -13.53
C THR A 60 -8.92 4.32 -13.54
N ARG A 61 -8.47 3.85 -14.70
CA ARG A 61 -7.88 2.49 -14.79
C ARG A 61 -6.70 2.24 -13.87
N GLN A 62 -6.00 3.29 -13.44
CA GLN A 62 -4.74 3.12 -12.69
C GLN A 62 -4.88 2.86 -11.18
N TYR A 63 -6.11 2.90 -10.66
CA TYR A 63 -6.30 2.90 -9.19
C TYR A 63 -6.55 1.52 -8.58
N PHE A 64 -6.53 0.48 -9.42
CA PHE A 64 -6.85 -0.87 -8.98
C PHE A 64 -5.57 -1.65 -8.70
N TYR A 65 -5.72 -2.87 -8.18
CA TYR A 65 -4.54 -3.73 -7.99
C TYR A 65 -3.86 -3.93 -9.33
N ASP A 66 -2.54 -4.05 -9.32
CA ASP A 66 -1.77 -4.32 -10.54
C ASP A 66 -2.34 -5.48 -11.37
N TYR A 67 -2.70 -6.57 -10.71
CA TYR A 67 -3.22 -7.76 -11.41
C TYR A 67 -4.65 -7.56 -11.95
N GLN A 68 -5.43 -6.69 -11.30
CA GLN A 68 -6.75 -6.32 -11.81
C GLN A 68 -6.61 -5.50 -13.10
N ILE A 69 -5.66 -4.57 -13.11
CA ILE A 69 -5.36 -3.76 -14.28
C ILE A 69 -4.89 -4.65 -15.43
N GLU A 70 -3.88 -5.47 -15.16
CA GLU A 70 -3.35 -6.41 -16.15
C GLU A 70 -4.38 -7.36 -16.76
N SER A 71 -5.42 -7.72 -15.99
CA SER A 71 -6.43 -8.68 -16.45
C SER A 71 -7.59 -8.02 -17.18
N ASN A 72 -7.65 -6.70 -17.13
CA ASN A 72 -8.78 -6.01 -17.71
C ASN A 72 -8.63 -5.97 -19.24
N PRO A 73 -9.61 -6.53 -19.98
CA PRO A 73 -9.46 -6.51 -21.44
C PRO A 73 -9.49 -5.11 -22.05
N ARG A 74 -10.06 -4.14 -21.33
CA ARG A 74 -10.04 -2.74 -21.78
C ARG A 74 -8.64 -2.14 -21.95
N GLU A 75 -7.63 -2.77 -21.35
CA GLU A 75 -6.24 -2.34 -21.49
C GLU A 75 -5.75 -2.30 -22.94
N LYS A 76 -6.21 -3.23 -23.77
CA LYS A 76 -5.79 -3.31 -25.17
C LYS A 76 -6.18 -2.03 -25.93
N GLU A 77 -7.45 -1.67 -25.84
CA GLU A 77 -7.95 -0.43 -26.46
C GLU A 77 -7.22 0.78 -25.90
N TYR A 78 -7.04 0.81 -24.59
CA TYR A 78 -6.39 1.95 -23.96
C TYR A 78 -4.96 2.13 -24.46
N LYS A 79 -4.16 1.06 -24.43
CA LYS A 79 -2.75 1.14 -24.83
C LYS A 79 -2.56 1.46 -26.31
N ASN A 80 -3.42 0.88 -27.14
CA ASN A 80 -3.32 1.03 -28.60
C ASN A 80 -3.75 2.41 -29.06
N LEU A 81 -4.82 2.93 -28.45
CA LEU A 81 -5.26 4.29 -28.73
C LEU A 81 -4.25 5.33 -28.21
N ARG A 82 -3.70 5.08 -27.03
CA ARG A 82 -2.66 5.94 -26.46
C ARG A 82 -1.40 5.96 -27.34
N ASN A 83 -1.05 4.82 -27.92
CA ASN A 83 0.08 4.72 -28.85
C ASN A 83 -0.19 5.55 -30.11
N ALA A 84 -1.39 5.40 -30.66
CA ALA A 84 -1.80 6.15 -31.84
C ALA A 84 -1.65 7.66 -31.65
N ILE A 85 -2.07 8.13 -30.48
CA ILE A 85 -2.05 9.56 -30.15
C ILE A 85 -0.62 10.06 -29.89
N SER A 86 0.14 9.35 -29.05
CA SER A 86 1.40 9.90 -28.53
C SER A 86 2.48 9.99 -29.62
N LYS A 87 2.21 9.29 -30.71
CA LYS A 87 3.03 9.24 -31.91
C LYS A 87 2.98 10.42 -32.89
N ASN A 88 1.86 11.15 -32.94
CA ASN A 88 1.81 12.38 -33.75
C ASN A 88 1.97 13.56 -32.80
N LYS A 89 3.23 13.97 -32.61
CA LYS A 89 3.54 15.08 -31.72
C LYS A 89 3.64 16.34 -32.55
N ILE A 90 3.10 17.43 -32.02
CA ILE A 90 3.12 18.71 -32.72
C ILE A 90 4.50 19.33 -32.56
N ASP A 91 4.98 20.02 -33.59
CA ASP A 91 6.34 20.57 -33.55
C ASP A 91 6.40 22.04 -33.13
N LYS A 92 5.23 22.59 -32.83
CA LYS A 92 5.15 23.88 -32.15
C LYS A 92 3.80 23.94 -31.44
N PRO A 93 3.64 24.88 -30.49
CA PRO A 93 2.40 24.93 -29.71
C PRO A 93 1.14 25.11 -30.55
N ILE A 94 0.02 24.63 -30.03
CA ILE A 94 -1.27 24.88 -30.66
C ILE A 94 -2.30 25.10 -29.56
N ASN A 95 -3.27 25.95 -29.86
CA ASN A 95 -4.34 26.25 -28.92
C ASN A 95 -5.57 25.48 -29.33
N VAL A 96 -6.27 24.94 -28.32
CA VAL A 96 -7.48 24.18 -28.57
C VAL A 96 -8.65 24.70 -27.73
N TYR A 97 -9.83 24.25 -28.12
CA TYR A 97 -11.08 24.71 -27.55
C TYR A 97 -11.98 23.51 -27.24
N TYR A 98 -12.62 23.56 -26.08
CA TYR A 98 -13.56 22.53 -25.66
C TYR A 98 -14.38 23.00 -24.45
N PHE A 99 -15.59 22.46 -24.32
CA PHE A 99 -16.48 22.79 -23.21
C PHE A 99 -16.30 21.82 -22.03
N GLU A 100 -16.35 22.36 -20.82
CA GLU A 100 -16.37 21.53 -19.60
C GLU A 100 -17.56 21.89 -18.72
N SER A 101 -18.00 20.94 -17.90
CA SER A 101 -18.86 21.25 -16.78
C SER A 101 -18.03 22.04 -15.78
N PRO A 102 -18.61 23.08 -15.16
CA PRO A 102 -17.87 23.81 -14.13
C PRO A 102 -17.46 22.94 -12.94
N GLU A 103 -18.25 21.90 -12.67
CA GLU A 103 -17.96 20.90 -11.64
C GLU A 103 -16.57 20.32 -11.80
N LYS A 104 -16.11 20.24 -13.04
CA LYS A 104 -14.76 19.76 -13.34
C LYS A 104 -13.67 20.57 -12.63
N PHE A 105 -13.91 21.87 -12.44
CA PHE A 105 -12.98 22.76 -11.74
C PHE A 105 -13.52 23.13 -10.37
N ALA A 106 -14.32 22.20 -9.82
CA ALA A 106 -14.83 22.28 -8.45
C ALA A 106 -15.80 23.44 -8.22
N PHE A 107 -16.49 23.85 -9.28
CA PHE A 107 -17.58 24.82 -9.16
C PHE A 107 -18.86 24.02 -9.26
N ASN A 108 -19.39 23.58 -8.12
CA ASN A 108 -20.47 22.61 -8.08
C ASN A 108 -21.87 23.25 -8.12
N LYS A 109 -21.99 24.29 -8.95
CA LYS A 109 -23.25 24.98 -9.22
C LYS A 109 -23.32 25.27 -10.69
N GLU A 110 -24.51 25.55 -11.18
CA GLU A 110 -24.65 26.12 -12.51
C GLU A 110 -24.11 27.56 -12.53
N ILE A 111 -23.34 27.88 -13.58
CA ILE A 111 -22.86 29.24 -13.79
C ILE A 111 -24.08 30.10 -14.19
N ARG A 112 -24.86 29.55 -15.10
CA ARG A 112 -26.22 30.01 -15.40
C ARG A 112 -26.95 28.78 -15.91
N THR A 113 -28.28 28.84 -15.98
CA THR A 113 -29.06 27.75 -16.58
C THR A 113 -28.90 27.83 -18.08
N GLU A 114 -29.26 26.77 -18.80
CA GLU A 114 -29.12 26.80 -20.26
C GLU A 114 -30.14 27.74 -20.91
N ASN A 115 -31.27 27.96 -20.24
CA ASN A 115 -32.27 28.91 -20.74
C ASN A 115 -31.97 30.37 -20.41
N GLN A 116 -31.13 30.62 -19.41
CA GLN A 116 -30.65 31.97 -19.18
C GLN A 116 -29.62 32.33 -20.25
N ASN A 117 -29.55 33.62 -20.59
CA ASN A 117 -28.60 34.10 -21.60
C ASN A 117 -27.44 34.84 -20.97
N GLU A 118 -27.64 35.30 -19.74
CA GLU A 118 -26.65 36.11 -19.08
C GLU A 118 -26.11 35.43 -17.83
N ILE A 119 -24.92 35.89 -17.45
CA ILE A 119 -24.21 35.40 -16.29
C ILE A 119 -24.04 36.56 -15.32
N SER A 120 -24.50 36.37 -14.08
CA SER A 120 -24.41 37.41 -13.06
C SER A 120 -22.97 37.67 -12.66
N LEU A 121 -22.72 38.88 -12.18
CA LEU A 121 -21.39 39.29 -11.74
C LEU A 121 -21.05 38.50 -10.49
N GLU A 122 -22.08 38.16 -9.72
CA GLU A 122 -21.95 37.31 -8.54
C GLU A 122 -21.35 35.94 -8.91
N LYS A 123 -21.97 35.24 -9.86
CA LYS A 123 -21.47 33.95 -10.34
C LYS A 123 -20.09 34.02 -10.99
N PHE A 124 -19.84 35.07 -11.78
CA PHE A 124 -18.54 35.27 -12.39
C PHE A 124 -17.44 35.37 -11.33
N ASN A 125 -17.69 36.18 -10.30
CA ASN A 125 -16.73 36.33 -9.20
C ASN A 125 -16.56 35.07 -8.37
N GLU A 126 -17.66 34.35 -8.17
CA GLU A 126 -17.64 33.07 -7.44
C GLU A 126 -16.73 32.10 -8.17
N LEU A 127 -16.92 32.03 -9.48
CA LEU A 127 -16.15 31.11 -10.29
C LEU A 127 -14.68 31.47 -10.26
N LYS A 128 -14.42 32.75 -10.43
CA LYS A 128 -13.07 33.27 -10.42
C LYS A 128 -12.33 32.89 -9.14
N GLU A 129 -12.97 33.13 -7.99
CA GLU A 129 -12.38 32.78 -6.69
C GLU A 129 -12.15 31.28 -6.54
N THR A 130 -13.04 30.48 -7.14
CA THR A 130 -12.95 29.02 -7.09
C THR A 130 -11.81 28.46 -7.95
N ILE A 131 -11.66 28.97 -9.16
CA ILE A 131 -10.63 28.42 -10.08
C ILE A 131 -9.33 29.22 -10.13
N GLN A 132 -9.24 30.25 -9.30
CA GLN A 132 -8.04 31.08 -9.10
C GLN A 132 -7.01 30.33 -8.28
N ASP A 133 -5.73 30.58 -8.58
CA ASP A 133 -4.60 29.89 -7.87
C ASP A 133 -4.68 28.36 -7.65
N LYS A 134 -4.99 27.62 -8.71
CA LYS A 134 -5.10 26.17 -8.63
C LYS A 134 -4.62 25.46 -9.88
N LEU A 135 -3.96 24.34 -9.64
CA LEU A 135 -3.55 23.42 -10.69
C LEU A 135 -4.55 22.29 -10.66
N PHE A 136 -5.18 22.01 -11.80
CA PHE A 136 -6.21 20.99 -11.85
C PHE A 136 -5.71 19.82 -12.69
N LYS A 137 -5.64 18.63 -12.08
CA LYS A 137 -5.15 17.45 -12.77
C LYS A 137 -6.15 16.94 -13.81
N GLN A 138 -5.66 16.69 -15.01
CA GLN A 138 -6.48 16.21 -16.11
C GLN A 138 -6.03 14.84 -16.57
N ASP A 139 -6.99 13.94 -16.80
CA ASP A 139 -6.68 12.62 -17.32
C ASP A 139 -7.65 12.16 -18.37
N GLY A 140 -7.18 11.24 -19.19
CA GLY A 140 -8.02 10.48 -20.10
C GLY A 140 -8.15 11.08 -21.47
N PHE A 141 -8.82 10.33 -22.34
CA PHE A 141 -9.02 10.74 -23.73
C PHE A 141 -10.05 11.86 -23.80
N LYS A 142 -9.80 12.79 -24.73
CA LYS A 142 -10.63 14.00 -24.84
C LYS A 142 -10.63 14.50 -26.28
N ASP A 143 -11.82 14.74 -26.85
CA ASP A 143 -11.94 15.40 -28.15
C ASP A 143 -11.91 16.92 -27.98
N VAL A 144 -11.05 17.58 -28.75
CA VAL A 144 -10.91 19.04 -28.70
C VAL A 144 -11.10 19.63 -30.10
N SER A 145 -11.33 20.94 -30.17
CA SER A 145 -11.44 21.66 -31.44
C SER A 145 -10.27 22.62 -31.62
N LEU A 146 -9.84 22.76 -32.87
CA LEU A 146 -8.80 23.71 -33.25
C LEU A 146 -9.29 25.15 -33.41
N TYR A 147 -10.60 25.33 -33.44
CA TYR A 147 -11.20 26.66 -33.65
C TYR A 147 -12.23 26.95 -32.57
N GLU A 148 -12.49 28.23 -32.32
CA GLU A 148 -13.47 28.63 -31.33
C GLU A 148 -14.89 28.36 -31.84
N PRO A 149 -15.71 27.67 -31.04
CA PRO A 149 -17.12 27.45 -31.36
C PRO A 149 -17.80 28.80 -31.62
N GLY A 150 -18.63 28.86 -32.65
CA GLY A 150 -19.32 30.10 -33.01
C GLY A 150 -20.73 29.82 -33.46
N ASN A 151 -21.33 30.80 -34.14
CA ASN A 151 -22.72 30.71 -34.54
C ASN A 151 -23.00 29.35 -35.19
N GLY A 152 -23.97 28.62 -34.65
CA GLY A 152 -24.33 27.30 -35.15
C GLY A 152 -23.42 26.14 -34.78
N ASP A 153 -22.45 26.36 -33.88
CA ASP A 153 -21.68 25.24 -33.31
C ASP A 153 -22.38 24.77 -32.05
N GLU A 154 -22.15 23.51 -31.67
CA GLU A 154 -22.75 22.99 -30.45
C GLU A 154 -21.95 23.41 -29.22
N LYS A 155 -22.70 23.80 -28.20
CA LYS A 155 -22.16 24.47 -27.03
C LYS A 155 -22.93 23.94 -25.82
N PRO A 156 -22.49 22.80 -25.26
CA PRO A 156 -23.26 22.10 -24.21
C PRO A 156 -23.23 22.70 -22.80
N THR A 157 -22.24 23.54 -22.49
CA THR A 157 -22.16 24.18 -21.18
C THR A 157 -21.79 25.66 -21.33
N PRO A 158 -21.89 26.44 -20.24
CA PRO A 158 -21.46 27.84 -20.27
C PRO A 158 -19.96 28.09 -20.10
N LEU A 159 -19.16 27.02 -20.09
CA LEU A 159 -17.74 27.10 -19.80
C LEU A 159 -16.92 26.57 -20.97
N LEU A 160 -16.19 27.48 -21.62
CA LEU A 160 -15.35 27.18 -22.75
C LEU A 160 -13.91 27.25 -22.30
N ILE A 161 -13.16 26.18 -22.53
CA ILE A 161 -11.76 26.16 -22.20
C ILE A 161 -10.96 26.45 -23.46
N HIS A 162 -10.04 27.40 -23.35
CA HIS A 162 -9.14 27.78 -24.43
C HIS A 162 -7.73 27.44 -23.94
N LEU A 163 -7.24 26.29 -24.38
CA LEU A 163 -6.04 25.66 -23.81
C LEU A 163 -4.86 25.76 -24.75
N LYS A 164 -3.74 26.26 -24.24
CA LYS A 164 -2.51 26.23 -25.02
C LYS A 164 -1.76 24.93 -24.74
N LEU A 165 -1.52 24.17 -25.80
CA LEU A 165 -0.73 22.94 -25.70
C LEU A 165 0.67 23.17 -26.25
N PRO A 166 1.69 22.70 -25.51
CA PRO A 166 3.06 22.95 -25.94
C PRO A 166 3.52 22.04 -27.06
N LYS A 167 4.68 22.37 -27.60
CA LYS A 167 5.38 21.52 -28.54
C LYS A 167 5.53 20.12 -27.94
N ASN A 168 5.49 19.10 -28.82
CA ASN A 168 5.60 17.67 -28.46
C ASN A 168 4.38 17.07 -27.76
N THR A 169 3.28 17.82 -27.74
CA THR A 169 1.99 17.27 -27.34
C THR A 169 1.50 16.30 -28.40
N GLY A 170 1.07 15.12 -27.97
CA GLY A 170 0.46 14.15 -28.86
C GLY A 170 -0.96 14.53 -29.22
N MET A 171 -1.26 14.53 -30.51
CA MET A 171 -2.61 14.83 -31.00
C MET A 171 -2.93 14.00 -32.23
N LEU A 172 -4.14 13.45 -32.26
CA LEU A 172 -4.53 12.55 -33.31
C LEU A 172 -5.69 13.16 -34.10
N PRO A 173 -5.39 13.73 -35.28
CA PRO A 173 -6.47 14.19 -36.12
C PRO A 173 -7.11 13.00 -36.80
N TYR A 174 -8.44 13.02 -36.91
CA TYR A 174 -9.14 11.93 -37.57
C TYR A 174 -10.49 12.41 -38.05
N ILE A 175 -11.12 11.56 -38.86
CA ILE A 175 -12.42 11.85 -39.43
C ILE A 175 -13.43 10.87 -38.87
N ASN A 176 -14.56 11.41 -38.42
CA ASN A 176 -15.65 10.59 -37.95
C ASN A 176 -16.85 10.91 -38.82
N SER A 177 -17.05 10.06 -39.82
CA SER A 177 -18.04 10.25 -40.86
C SER A 177 -17.85 11.66 -41.46
N ASN A 178 -18.83 12.55 -41.32
CA ASN A 178 -18.68 13.90 -41.90
C ASN A 178 -17.74 14.89 -41.17
N ASP A 179 -17.28 14.55 -39.98
CA ASP A 179 -16.62 15.53 -39.11
C ASP A 179 -15.13 15.26 -38.97
N VAL A 180 -14.38 16.35 -38.86
CA VAL A 180 -12.95 16.28 -38.63
C VAL A 180 -12.77 16.56 -37.15
N LYS A 181 -12.06 15.66 -36.48
CA LYS A 181 -11.91 15.71 -35.03
C LYS A 181 -10.44 15.68 -34.66
N THR A 182 -10.20 15.88 -33.36
CA THR A 182 -8.86 15.91 -32.82
C THR A 182 -8.87 15.25 -31.43
N LEU A 183 -8.11 14.15 -31.29
CA LEU A 183 -8.04 13.42 -30.03
C LEU A 183 -6.72 13.67 -29.31
N ILE A 184 -6.80 13.93 -28.02
CA ILE A 184 -5.63 13.98 -27.15
C ILE A 184 -5.84 13.06 -25.96
N GLU A 185 -4.74 12.66 -25.31
CA GLU A 185 -4.82 12.02 -24.00
C GLU A 185 -4.24 12.99 -22.97
N GLN A 186 -5.11 13.48 -22.09
CA GLN A 186 -4.69 14.42 -21.07
C GLN A 186 -3.76 13.73 -20.08
N ASP A 187 -2.63 14.36 -19.79
CA ASP A 187 -1.61 13.78 -18.91
C ASP A 187 -0.81 14.89 -18.23
N TYR A 188 -1.54 15.89 -17.73
CA TYR A 188 -0.94 17.12 -17.24
C TYR A 188 -1.92 17.80 -16.29
N SER A 189 -1.48 18.89 -15.68
CA SER A 189 -2.37 19.74 -14.90
C SER A 189 -2.63 21.04 -15.65
N ILE A 190 -3.83 21.58 -15.45
CA ILE A 190 -4.26 22.83 -16.07
C ILE A 190 -4.24 23.95 -15.04
N LYS A 191 -3.70 25.08 -15.44
CA LYS A 191 -3.80 26.31 -14.69
C LYS A 191 -4.72 27.25 -15.47
N ILE A 192 -5.68 27.86 -14.80
CA ILE A 192 -6.56 28.84 -15.44
C ILE A 192 -5.98 30.23 -15.17
N ASP A 193 -5.31 30.75 -16.20
CA ASP A 193 -4.57 32.00 -16.12
C ASP A 193 -5.50 33.21 -16.04
N LYS A 194 -6.66 33.10 -16.69
CA LYS A 194 -7.58 34.23 -16.78
C LYS A 194 -8.95 33.74 -17.20
N ILE A 195 -10.01 34.32 -16.64
CA ILE A 195 -11.35 34.11 -17.19
C ILE A 195 -11.95 35.41 -17.71
N VAL A 196 -12.77 35.28 -18.75
CA VAL A 196 -13.48 36.41 -19.34
C VAL A 196 -14.87 35.95 -19.78
N ARG A 197 -15.85 36.84 -19.65
CA ARG A 197 -17.19 36.58 -20.17
C ARG A 197 -17.25 37.05 -21.63
N ILE A 198 -17.70 36.15 -22.51
CA ILE A 198 -17.89 36.45 -23.94
C ILE A 198 -19.34 36.14 -24.32
N VAL A 199 -19.73 36.54 -25.52
CA VAL A 199 -21.05 36.21 -26.04
C VAL A 199 -20.88 35.46 -27.35
N ILE A 200 -21.59 34.33 -27.45
CA ILE A 200 -21.64 33.54 -28.68
C ILE A 200 -23.12 33.28 -28.95
N GLU A 201 -23.59 33.68 -30.12
CA GLU A 201 -24.98 33.43 -30.54
C GLU A 201 -26.04 33.81 -29.52
N GLY A 202 -25.93 35.01 -28.96
CA GLY A 202 -26.96 35.49 -28.06
C GLY A 202 -26.90 34.95 -26.65
N LYS A 203 -25.81 34.28 -26.28
CA LYS A 203 -25.63 33.85 -24.90
C LYS A 203 -24.23 34.12 -24.37
N GLN A 204 -24.18 34.40 -23.08
CA GLN A 204 -22.93 34.61 -22.37
C GLN A 204 -22.29 33.27 -21.97
N TYR A 205 -20.99 33.17 -22.22
CA TYR A 205 -20.18 32.02 -21.81
C TYR A 205 -18.95 32.58 -21.07
N ILE A 206 -18.39 31.77 -20.17
CA ILE A 206 -17.10 32.07 -19.58
C ILE A 206 -16.07 31.43 -20.47
N LYS A 207 -15.07 32.20 -20.86
CA LYS A 207 -13.96 31.63 -21.58
C LYS A 207 -12.78 31.62 -20.64
N ALA A 208 -12.20 30.44 -20.46
CA ALA A 208 -11.08 30.27 -19.56
C ALA A 208 -9.80 30.13 -20.35
N GLU A 209 -8.88 31.07 -20.11
CA GLU A 209 -7.57 31.06 -20.75
C GLU A 209 -6.68 30.17 -19.90
N ALA A 210 -6.32 29.02 -20.45
CA ALA A 210 -5.65 27.98 -19.67
C ALA A 210 -4.33 27.56 -20.32
N SER A 211 -3.40 27.12 -19.48
CA SER A 211 -2.12 26.54 -19.92
C SER A 211 -1.85 25.31 -19.07
N ILE A 212 -0.80 24.57 -19.41
CA ILE A 212 -0.54 23.31 -18.72
C ILE A 212 0.75 23.35 -17.92
N VAL A 213 0.81 22.50 -16.90
CA VAL A 213 2.03 22.25 -16.13
C VAL A 213 2.23 20.75 -16.18
N ASN A 214 3.39 20.34 -16.69
CA ASN A 214 3.74 18.94 -16.73
C ASN A 214 4.31 18.46 -15.42
N SER A 215 3.99 17.23 -15.06
CA SER A 215 4.65 16.55 -13.94
C SER A 215 4.84 15.10 -14.32
N LEU A 216 5.86 14.48 -13.74
CA LEU A 216 6.01 13.04 -13.85
C LEU A 216 4.89 12.38 -13.09
N ASP A 217 4.14 11.52 -13.76
CA ASP A 217 3.06 10.78 -13.12
C ASP A 217 3.16 9.34 -13.60
N PHE A 218 3.68 8.48 -12.75
CA PHE A 218 3.93 7.09 -13.12
C PHE A 218 2.67 6.25 -13.09
N LYS A 219 1.66 6.74 -12.39
CA LYS A 219 0.39 6.02 -12.26
C LYS A 219 0.68 4.57 -11.86
N ASP A 220 0.23 3.61 -12.67
CA ASP A 220 0.41 2.19 -12.35
C ASP A 220 1.77 1.62 -12.78
N ASP A 221 2.57 2.41 -13.49
CA ASP A 221 3.88 1.94 -13.94
C ASP A 221 4.92 2.10 -12.81
N VAL A 222 4.79 1.25 -11.79
CA VAL A 222 5.61 1.34 -10.58
C VAL A 222 7.09 0.98 -10.88
N SER A 223 7.32 0.09 -11.84
CA SER A 223 8.68 -0.27 -12.26
C SER A 223 9.43 0.92 -12.82
N LYS A 224 8.76 1.67 -13.70
CA LYS A 224 9.34 2.88 -14.27
C LYS A 224 9.59 3.90 -13.17
N GLY A 225 8.61 4.10 -12.31
CA GLY A 225 8.77 5.01 -11.17
C GLY A 225 9.91 4.62 -10.24
N ASP A 226 10.09 3.31 -10.05
CA ASP A 226 11.15 2.81 -9.18
C ASP A 226 12.51 3.02 -9.84
N LEU A 227 12.58 2.83 -11.15
CA LEU A 227 13.80 3.10 -11.89
C LEU A 227 14.19 4.56 -11.75
N TRP A 228 13.22 5.43 -11.99
CA TRP A 228 13.41 6.87 -11.81
C TRP A 228 13.89 7.19 -10.40
N GLY A 229 13.25 6.61 -9.40
CA GLY A 229 13.60 6.89 -8.01
C GLY A 229 15.02 6.43 -7.66
N LYS A 230 15.35 5.20 -8.06
CA LYS A 230 16.69 4.65 -7.83
C LYS A 230 17.76 5.50 -8.54
N GLU A 231 17.48 5.85 -9.79
CA GLU A 231 18.32 6.76 -10.58
C GLU A 231 18.69 8.06 -9.85
N ASN A 232 17.72 8.64 -9.17
CA ASN A 232 17.90 9.95 -8.54
C ASN A 232 18.26 9.91 -7.05
N TYR A 233 18.11 8.76 -6.41
CA TYR A 233 18.32 8.66 -4.96
C TYR A 233 19.25 7.53 -4.47
N SER A 234 19.99 6.89 -5.38
CA SER A 234 21.08 6.00 -4.96
C SER A 234 22.14 6.81 -4.18
N ASP A 235 22.55 7.90 -4.80
CA ASP A 235 23.44 8.92 -4.22
C ASP A 235 23.06 9.32 -2.79
N TRP A 236 21.84 9.85 -2.64
CA TRP A 236 21.28 10.37 -1.37
C TRP A 236 21.65 9.59 -0.11
N SER A 237 21.49 8.27 -0.18
CA SER A 237 21.75 7.39 0.96
C SER A 237 23.20 7.41 1.46
N ASN A 238 24.14 7.75 0.56
CA ASN A 238 25.56 7.97 0.92
C ASN A 238 25.88 9.41 1.31
N LYS A 239 24.95 10.32 1.11
CA LYS A 239 25.20 11.74 1.36
C LYS A 239 24.87 12.11 2.80
N LEU A 240 24.21 11.19 3.49
CA LEU A 240 23.75 11.45 4.85
C LEU A 240 24.90 11.34 5.84
N THR A 241 24.93 12.29 6.78
CA THR A 241 25.79 12.16 7.95
C THR A 241 25.37 10.86 8.66
N PRO A 242 26.24 10.30 9.50
CA PRO A 242 25.81 9.08 10.22
C PRO A 242 24.64 9.35 11.18
N ASN A 243 24.51 10.60 11.61
CA ASN A 243 23.40 11.04 12.45
C ASN A 243 22.09 10.96 11.69
N GLU A 244 22.11 11.50 10.47
CA GLU A 244 20.95 11.53 9.58
C GLU A 244 20.51 10.13 9.19
N LEU A 245 21.48 9.28 8.84
CA LEU A 245 21.18 7.91 8.44
C LEU A 245 20.61 7.11 9.60
N ALA A 246 21.17 7.30 10.79
CA ALA A 246 20.66 6.66 12.00
C ALA A 246 19.22 7.08 12.22
N ASP A 247 19.01 8.39 12.24
CA ASP A 247 17.67 8.95 12.46
C ASP A 247 16.63 8.59 11.37
N VAL A 248 16.99 8.53 10.08
CA VAL A 248 15.97 8.12 9.08
C VAL A 248 15.65 6.62 9.14
N ASN A 249 16.63 5.74 9.39
CA ASN A 249 16.28 4.31 9.52
C ASN A 249 15.43 4.03 10.77
N ASP A 250 15.75 4.69 11.88
CA ASP A 250 14.90 4.71 13.08
C ASP A 250 13.45 5.06 12.70
N TYR A 251 13.27 6.16 11.97
CA TYR A 251 11.95 6.57 11.47
C TYR A 251 11.32 5.45 10.64
N MET A 252 12.00 5.05 9.58
CA MET A 252 11.48 4.02 8.66
C MET A 252 11.23 2.68 9.34
N ARG A 253 12.13 2.31 10.26
CA ARG A 253 12.06 1.03 10.98
C ARG A 253 10.90 0.98 12.00
N GLY A 254 10.07 2.02 12.02
CA GLY A 254 8.87 2.07 12.86
C GLY A 254 8.89 3.17 13.90
N GLY A 255 10.01 3.89 13.99
CA GLY A 255 10.10 5.07 14.84
C GLY A 255 9.15 6.18 14.45
N TYR A 256 8.64 6.13 13.22
CA TYR A 256 7.73 7.15 12.71
C TYR A 256 6.52 7.38 13.61
N THR A 257 6.00 6.31 14.20
CA THR A 257 4.80 6.42 15.02
C THR A 257 5.03 7.31 16.25
N ALA A 258 6.16 7.16 16.93
CA ALA A 258 6.49 7.97 18.09
C ALA A 258 6.81 9.41 17.68
N ILE A 259 7.67 9.53 16.66
CA ILE A 259 8.09 10.83 16.14
C ILE A 259 6.91 11.64 15.64
N ASN A 260 6.03 11.00 14.88
CA ASN A 260 4.88 11.69 14.30
C ASN A 260 3.81 12.04 15.35
N ASN A 261 3.60 11.17 16.34
CA ASN A 261 2.65 11.48 17.42
C ASN A 261 3.14 12.65 18.28
N TYR A 262 4.45 12.71 18.48
CA TYR A 262 5.09 13.83 19.17
C TYR A 262 4.84 15.13 18.42
N LEU A 263 4.99 15.11 17.11
CA LEU A 263 4.73 16.28 16.25
C LEU A 263 3.23 16.65 16.25
N ILE A 264 2.36 15.66 16.08
CA ILE A 264 0.92 15.92 16.03
C ILE A 264 0.41 16.46 17.36
N SER A 265 0.98 16.00 18.47
CA SER A 265 0.54 16.43 19.80
C SER A 265 1.15 17.78 20.22
N ASN A 266 1.90 18.39 19.32
CA ASN A 266 2.64 19.63 19.59
C ASN A 266 3.59 19.48 20.77
N GLY A 267 4.23 18.31 20.84
CA GLY A 267 5.18 17.98 21.89
C GLY A 267 6.37 18.92 21.97
N PRO A 268 6.90 19.35 20.81
CA PRO A 268 8.02 20.31 20.84
C PRO A 268 7.75 21.53 21.72
N LEU A 269 6.47 21.85 21.90
CA LEU A 269 6.07 23.02 22.66
C LEU A 269 5.38 22.65 23.96
N ASN A 270 4.45 21.71 23.88
CA ASN A 270 3.77 21.24 25.08
C ASN A 270 4.75 20.56 26.03
N ASN A 271 5.63 19.73 25.46
CA ASN A 271 6.43 18.87 26.31
C ASN A 271 7.77 18.48 25.71
N PRO A 272 8.64 19.48 25.51
CA PRO A 272 9.84 19.25 24.72
C PRO A 272 10.64 18.03 25.13
N ASN A 273 11.08 17.34 24.10
CA ASN A 273 11.90 16.17 24.22
C ASN A 273 13.04 16.41 23.24
N PRO A 274 14.23 16.70 23.77
CA PRO A 274 15.34 17.14 22.94
C PRO A 274 15.84 16.07 22.00
N GLU A 275 15.70 14.82 22.41
CA GLU A 275 16.14 13.70 21.59
C GLU A 275 15.30 13.62 20.32
N LEU A 276 13.97 13.64 20.50
CA LEU A 276 13.03 13.59 19.39
C LEU A 276 13.15 14.80 18.46
N ASP A 277 13.23 16.00 19.03
CA ASP A 277 13.51 17.23 18.26
C ASP A 277 14.75 17.06 17.40
N SER A 278 15.77 16.41 17.95
CA SER A 278 16.99 16.15 17.21
C SER A 278 16.72 15.23 16.01
N LYS A 279 15.94 14.18 16.23
CA LYS A 279 15.54 13.26 15.17
C LYS A 279 14.73 13.95 14.08
N VAL A 280 13.74 14.75 14.50
CA VAL A 280 12.93 15.52 13.56
C VAL A 280 13.82 16.40 12.69
N ASN A 281 14.76 17.09 13.33
CA ASN A 281 15.67 17.99 12.61
C ASN A 281 16.52 17.30 11.57
N ASN A 282 17.13 16.18 11.93
CA ASN A 282 18.01 15.44 11.02
C ASN A 282 17.25 14.86 9.83
N ILE A 283 16.04 14.36 10.10
CA ILE A 283 15.20 13.77 9.06
C ILE A 283 14.81 14.84 8.03
N GLU A 284 14.45 16.01 8.55
CA GLU A 284 14.21 17.20 7.72
C GLU A 284 15.41 17.57 6.87
N ASN A 285 16.60 17.60 7.45
CA ASN A 285 17.81 17.94 6.70
C ASN A 285 18.13 16.87 5.66
N ALA A 286 17.80 15.63 5.97
CA ALA A 286 17.96 14.53 5.02
C ALA A 286 17.05 14.68 3.80
N LEU A 287 15.82 15.13 4.04
CA LEU A 287 14.85 15.39 2.97
C LEU A 287 15.19 16.61 2.11
N LYS A 288 16.02 17.50 2.64
CA LYS A 288 16.51 18.66 1.88
C LYS A 288 17.82 18.37 1.14
N LEU A 289 18.43 17.21 1.44
CA LEU A 289 19.72 16.85 0.83
C LEU A 289 19.65 16.65 -0.69
N THR A 290 18.65 15.91 -1.16
CA THR A 290 18.38 15.73 -2.59
C THR A 290 16.92 16.08 -2.85
N PRO A 291 16.62 17.37 -3.05
CA PRO A 291 15.23 17.75 -3.28
C PRO A 291 14.63 17.08 -4.51
N ILE A 292 13.32 16.86 -4.46
CA ILE A 292 12.57 16.24 -5.56
C ILE A 292 12.97 16.87 -6.90
N PRO A 293 13.64 16.08 -7.78
CA PRO A 293 14.29 16.63 -8.98
C PRO A 293 13.41 17.01 -10.18
N SER A 294 12.12 16.70 -10.12
CA SER A 294 11.14 17.16 -11.11
C SER A 294 9.81 17.40 -10.44
N ASN A 295 8.93 18.15 -11.10
CA ASN A 295 7.53 18.12 -10.74
C ASN A 295 7.07 16.65 -10.75
N LEU A 296 6.31 16.24 -9.75
CA LEU A 296 6.04 14.82 -9.53
C LEU A 296 4.68 14.64 -8.87
N ILE A 297 3.90 13.70 -9.39
CA ILE A 297 2.65 13.30 -8.78
C ILE A 297 2.93 12.13 -7.86
N VAL A 298 2.42 12.20 -6.63
CA VAL A 298 2.45 11.07 -5.70
C VAL A 298 1.06 10.77 -5.18
N TYR A 299 0.90 9.57 -4.65
CA TYR A 299 -0.41 9.06 -4.23
C TYR A 299 -0.32 8.60 -2.79
N ARG A 300 -1.37 8.85 -2.03
CA ARG A 300 -1.46 8.37 -0.66
C ARG A 300 -2.86 7.87 -0.40
N ARG A 301 -2.95 6.67 0.13
CA ARG A 301 -4.22 6.16 0.60
C ARG A 301 -4.37 6.53 2.07
N SER A 302 -5.21 7.55 2.31
CA SER A 302 -5.39 8.12 3.64
C SER A 302 -6.30 7.27 4.50
N GLY A 303 -5.99 7.20 5.79
CA GLY A 303 -6.94 6.71 6.76
C GLY A 303 -8.01 7.77 6.96
N PRO A 304 -9.23 7.34 7.35
CA PRO A 304 -10.28 8.34 7.53
C PRO A 304 -10.00 9.38 8.61
N GLN A 305 -9.08 9.08 9.52
CA GLN A 305 -8.81 9.96 10.65
C GLN A 305 -8.12 11.26 10.22
N GLU A 306 -7.42 11.21 9.09
CA GLU A 306 -6.84 12.43 8.50
C GLU A 306 -7.89 13.45 8.07
N PHE A 307 -9.11 12.97 7.83
CA PHE A 307 -10.26 13.80 7.44
C PHE A 307 -11.38 13.75 8.46
N GLY A 308 -10.97 13.54 9.71
CA GLY A 308 -11.87 13.62 10.86
C GLY A 308 -12.98 12.59 10.87
N LEU A 309 -12.73 11.43 10.27
CA LEU A 309 -13.71 10.35 10.26
C LEU A 309 -13.13 9.08 10.85
N THR A 310 -14.00 8.11 11.08
CA THR A 310 -13.59 6.76 11.43
C THR A 310 -14.29 5.78 10.51
N LEU A 311 -13.89 4.52 10.64
CA LEU A 311 -14.51 3.42 9.91
C LEU A 311 -15.99 3.34 10.06
N THR A 312 -16.50 3.71 11.23
CA THR A 312 -17.93 3.58 11.47
C THR A 312 -18.70 4.89 11.35
N SER A 313 -18.03 5.97 10.95
CA SER A 313 -18.73 7.24 10.68
C SER A 313 -19.74 7.03 9.56
N PRO A 314 -21.01 7.41 9.78
CA PRO A 314 -21.97 7.37 8.66
C PRO A 314 -21.53 8.21 7.45
N GLU A 315 -20.78 9.27 7.71
CA GLU A 315 -20.34 10.19 6.67
C GLU A 315 -19.25 9.61 5.76
N TYR A 316 -18.66 8.49 6.16
CA TYR A 316 -17.60 7.82 5.39
C TYR A 316 -18.23 6.88 4.35
N ASP A 317 -19.56 6.74 4.38
CA ASP A 317 -20.25 5.96 3.36
C ASP A 317 -20.44 6.82 2.11
N PHE A 318 -19.43 6.83 1.25
CA PHE A 318 -19.45 7.61 0.01
C PHE A 318 -20.32 7.01 -1.11
N ASN A 319 -20.91 5.84 -0.89
CA ASN A 319 -21.92 5.33 -1.82
C ASN A 319 -23.19 6.19 -1.82
N LYS A 320 -23.36 7.02 -0.78
CA LYS A 320 -24.47 7.98 -0.71
C LYS A 320 -23.98 9.34 -1.16
N ILE A 321 -24.59 9.88 -2.20
CA ILE A 321 -24.12 11.13 -2.81
C ILE A 321 -24.04 12.28 -1.79
N GLU A 322 -24.97 12.31 -0.84
CA GLU A 322 -25.00 13.39 0.17
C GLU A 322 -23.72 13.41 0.98
N ASN A 323 -23.13 12.23 1.23
CA ASN A 323 -21.88 12.17 1.98
C ASN A 323 -20.69 12.65 1.16
N ILE A 324 -20.75 12.42 -0.14
CA ILE A 324 -19.75 13.00 -1.04
C ILE A 324 -19.88 14.53 -1.02
N ASP A 325 -21.11 15.03 -1.13
CA ASP A 325 -21.35 16.48 -1.11
C ASP A 325 -20.89 17.11 0.19
N ALA A 326 -21.24 16.49 1.32
CA ALA A 326 -20.77 17.01 2.60
C ALA A 326 -19.24 16.99 2.70
N PHE A 327 -18.60 15.97 2.12
CA PHE A 327 -17.13 15.90 2.14
C PHE A 327 -16.56 17.06 1.35
N LYS A 328 -17.11 17.28 0.15
CA LYS A 328 -16.66 18.39 -0.68
C LYS A 328 -16.86 19.74 0.01
N GLU A 329 -18.01 19.92 0.67
CA GLU A 329 -18.29 21.20 1.35
C GLU A 329 -17.26 21.48 2.45
N LYS A 330 -16.81 20.42 3.13
CA LYS A 330 -15.84 20.56 4.22
C LYS A 330 -14.40 20.70 3.72
N TRP A 331 -14.03 20.02 2.63
CA TRP A 331 -12.60 19.91 2.25
C TRP A 331 -12.21 20.47 0.89
N GLU A 332 -13.11 20.48 -0.07
CA GLU A 332 -12.73 20.86 -1.43
C GLU A 332 -12.43 22.37 -1.47
N GLY A 333 -11.25 22.71 -1.99
CA GLY A 333 -10.79 24.10 -2.02
C GLY A 333 -10.06 24.52 -0.75
N LYS A 334 -10.02 23.64 0.25
CA LYS A 334 -9.35 23.95 1.51
C LYS A 334 -7.91 23.53 1.45
N VAL A 335 -7.14 24.11 2.36
CA VAL A 335 -5.74 23.74 2.55
C VAL A 335 -5.64 22.95 3.86
N ILE A 336 -4.97 21.81 3.82
CA ILE A 336 -4.80 20.96 4.99
C ILE A 336 -3.33 20.89 5.33
N THR A 337 -3.02 20.67 6.60
CA THR A 337 -1.63 20.63 7.04
C THR A 337 -1.38 19.42 7.93
N TYR A 338 -0.23 18.78 7.71
CA TYR A 338 0.19 17.60 8.44
C TYR A 338 1.37 18.00 9.31
N PRO A 339 1.18 18.04 10.65
CA PRO A 339 2.37 18.34 11.46
C PRO A 339 3.41 17.22 11.39
N ASN A 340 2.95 16.00 11.18
CA ASN A 340 3.81 14.83 10.99
C ASN A 340 4.51 14.79 9.63
N PHE A 341 5.61 14.05 9.57
CA PHE A 341 6.15 13.57 8.30
C PHE A 341 5.08 12.70 7.69
N ILE A 342 4.97 12.71 6.36
CA ILE A 342 3.90 11.98 5.69
C ILE A 342 4.42 11.19 4.49
N SER A 343 4.00 9.92 4.40
CA SER A 343 4.46 9.03 3.34
C SER A 343 3.47 8.99 2.18
N THR A 344 4.03 8.88 0.99
CA THR A 344 3.27 8.79 -0.26
C THR A 344 3.97 7.80 -1.16
N SER A 345 3.32 7.43 -2.26
CA SER A 345 3.91 6.52 -3.23
C SER A 345 3.98 7.14 -4.63
N ILE A 346 5.00 6.76 -5.41
CA ILE A 346 4.99 7.12 -6.85
C ILE A 346 3.94 6.32 -7.65
N GLY A 347 3.36 5.29 -7.04
CA GLY A 347 2.37 4.46 -7.71
C GLY A 347 0.96 4.72 -7.23
N SER A 348 0.02 4.55 -8.15
CA SER A 348 -1.40 4.79 -7.88
C SER A 348 -2.16 3.51 -7.61
N VAL A 349 -1.51 2.37 -7.80
CA VAL A 349 -2.19 1.08 -7.67
C VAL A 349 -2.61 0.83 -6.23
N ASN A 350 -3.72 0.12 -6.08
CA ASN A 350 -4.18 -0.33 -4.78
C ASN A 350 -3.25 -1.45 -4.29
N MET A 351 -3.17 -1.62 -2.97
CA MET A 351 -2.29 -2.62 -2.36
C MET A 351 -3.01 -3.30 -1.21
N SER A 352 -2.58 -4.52 -0.89
CA SER A 352 -3.17 -5.29 0.20
C SER A 352 -3.31 -4.50 1.50
N ALA A 353 -2.23 -3.81 1.88
CA ALA A 353 -2.15 -3.14 3.18
C ALA A 353 -3.20 -2.04 3.37
N PHE A 354 -3.59 -1.40 2.26
CA PHE A 354 -4.64 -0.37 2.33
C PHE A 354 -5.74 -0.57 1.30
N ALA A 355 -6.04 -1.84 1.05
CA ALA A 355 -7.00 -2.22 0.02
C ALA A 355 -8.38 -1.58 0.17
N LYS A 356 -8.80 -1.33 1.41
CA LYS A 356 -10.15 -0.82 1.66
C LYS A 356 -10.22 0.67 1.97
N ARG A 357 -9.07 1.34 2.08
CA ARG A 357 -9.07 2.79 2.32
C ARG A 357 -9.80 3.53 1.20
N LYS A 358 -10.66 4.47 1.57
CA LYS A 358 -11.56 5.11 0.59
C LYS A 358 -11.10 6.47 0.07
N ILE A 359 -10.10 7.07 0.73
CA ILE A 359 -9.68 8.44 0.43
C ILE A 359 -8.27 8.42 -0.11
N ILE A 360 -8.13 8.75 -1.38
CA ILE A 360 -6.85 8.80 -2.04
C ILE A 360 -6.46 10.25 -2.28
N LEU A 361 -5.30 10.64 -1.77
CA LEU A 361 -4.68 11.93 -2.05
C LEU A 361 -3.81 11.76 -3.27
N ARG A 362 -4.01 12.62 -4.26
CA ARG A 362 -3.19 12.63 -5.44
C ARG A 362 -2.52 14.00 -5.50
N ILE A 363 -1.22 14.01 -5.19
CA ILE A 363 -0.50 15.23 -4.82
C ILE A 363 0.52 15.64 -5.86
N ASN A 364 0.44 16.90 -6.29
CA ASN A 364 1.43 17.50 -7.17
C ASN A 364 2.55 18.10 -6.32
N ILE A 365 3.76 17.59 -6.51
CA ILE A 365 4.93 18.04 -5.75
C ILE A 365 5.77 18.89 -6.67
N PRO A 366 5.96 20.18 -6.36
CA PRO A 366 6.81 20.97 -7.24
C PRO A 366 8.28 20.55 -7.18
N LYS A 367 8.96 20.65 -8.32
CA LYS A 367 10.39 20.43 -8.39
C LYS A 367 11.10 21.25 -7.30
N ASP A 368 12.09 20.63 -6.67
CA ASP A 368 12.90 21.20 -5.58
C ASP A 368 12.24 21.14 -4.21
N SER A 369 11.07 20.53 -4.11
CA SER A 369 10.44 20.37 -2.81
C SER A 369 11.33 19.47 -1.95
N PRO A 370 11.29 19.65 -0.62
CA PRO A 370 11.94 18.64 0.21
C PRO A 370 11.27 17.29 0.01
N GLY A 371 12.05 16.22 0.01
CA GLY A 371 11.49 14.89 -0.17
C GLY A 371 12.56 13.89 -0.51
N ALA A 372 12.24 12.61 -0.35
CA ALA A 372 13.19 11.58 -0.73
C ALA A 372 12.46 10.32 -1.15
N TYR A 373 12.96 9.70 -2.22
CA TYR A 373 12.53 8.35 -2.56
C TYR A 373 13.23 7.36 -1.64
N LEU A 374 12.48 6.87 -0.65
CA LEU A 374 13.01 5.97 0.37
C LEU A 374 13.33 4.56 -0.14
N SER A 375 12.68 4.17 -1.23
CA SER A 375 12.87 2.82 -1.79
C SER A 375 14.16 2.69 -2.63
N ALA A 376 15.07 3.66 -2.46
CA ALA A 376 16.42 3.56 -2.99
C ALA A 376 17.28 2.92 -1.90
N ILE A 377 17.00 3.31 -0.65
CA ILE A 377 17.48 2.65 0.55
C ILE A 377 16.94 1.21 0.64
N PRO A 378 17.80 0.23 0.33
CA PRO A 378 17.56 -1.20 0.48
C PRO A 378 16.92 -1.57 1.82
N GLY A 379 16.11 -2.61 1.81
CA GLY A 379 15.40 -3.03 3.00
C GLY A 379 13.90 -2.89 2.82
N TYR A 380 13.45 -1.75 2.30
CA TYR A 380 12.01 -1.55 2.09
C TYR A 380 11.63 -0.90 0.76
N ALA A 381 11.79 -1.68 -0.29
CA ALA A 381 11.47 -1.27 -1.67
C ALA A 381 9.98 -1.38 -2.04
N GLY A 382 9.29 -2.36 -1.46
CA GLY A 382 7.91 -2.71 -1.83
C GLY A 382 6.83 -1.65 -1.78
N GLU A 383 7.15 -0.47 -1.27
CA GLU A 383 6.18 0.62 -1.14
C GLU A 383 6.32 1.70 -2.21
N TYR A 384 7.46 1.74 -2.88
CA TYR A 384 7.80 2.80 -3.85
C TYR A 384 7.54 4.16 -3.24
N SER A 385 8.16 4.39 -2.08
CA SER A 385 7.75 5.47 -1.21
C SER A 385 8.54 6.76 -1.38
N VAL A 386 7.80 7.87 -1.29
CA VAL A 386 8.39 9.19 -1.18
C VAL A 386 7.95 9.77 0.15
N LEU A 387 8.92 10.16 0.96
CA LEU A 387 8.63 10.76 2.24
C LEU A 387 8.65 12.27 2.10
N LEU A 388 7.59 12.92 2.59
CA LEU A 388 7.47 14.37 2.54
C LEU A 388 7.78 14.96 3.92
N ASN A 389 8.25 16.20 3.93
CA ASN A 389 8.67 16.86 5.18
C ASN A 389 7.50 17.14 6.12
N HIS A 390 7.80 17.18 7.41
CA HIS A 390 6.81 17.52 8.43
C HIS A 390 6.32 18.94 8.22
N GLY A 391 5.05 19.17 8.55
CA GLY A 391 4.45 20.50 8.39
C GLY A 391 4.06 20.83 6.96
N SER A 392 3.93 19.82 6.10
CA SER A 392 3.53 20.08 4.70
C SER A 392 2.09 20.55 4.62
N LYS A 393 1.83 21.44 3.68
CA LYS A 393 0.51 21.99 3.44
C LYS A 393 0.06 21.63 2.04
N PHE A 394 -1.17 21.15 1.92
CA PHE A 394 -1.71 20.70 0.63
C PHE A 394 -3.00 21.42 0.34
N LYS A 395 -3.08 22.06 -0.81
CA LYS A 395 -4.35 22.61 -1.27
C LYS A 395 -5.13 21.54 -2.01
N ILE A 396 -6.37 21.34 -1.60
CA ILE A 396 -7.26 20.40 -2.24
C ILE A 396 -8.01 21.13 -3.35
N ASN A 397 -7.66 20.84 -4.60
CA ASN A 397 -8.21 21.54 -5.76
C ASN A 397 -9.58 21.02 -6.16
N LYS A 398 -9.75 19.71 -6.03
CA LYS A 398 -10.88 19.02 -6.64
C LYS A 398 -11.02 17.63 -6.04
N VAL A 399 -12.25 17.27 -5.72
CA VAL A 399 -12.59 15.93 -5.27
C VAL A 399 -13.37 15.21 -6.37
N ASP A 400 -12.84 14.09 -6.82
CA ASP A 400 -13.53 13.17 -7.71
C ASP A 400 -13.89 11.90 -6.95
N SER A 401 -14.74 11.09 -7.56
CA SER A 401 -15.12 9.79 -6.99
C SER A 401 -15.12 8.74 -8.08
N TYR A 402 -14.94 7.48 -7.69
CA TYR A 402 -14.99 6.37 -8.62
C TYR A 402 -15.39 5.10 -7.87
N LYS A 403 -15.80 4.10 -8.63
CA LYS A 403 -16.19 2.82 -8.06
C LYS A 403 -15.02 1.86 -8.07
N ASP A 404 -14.78 1.23 -6.92
CA ASP A 404 -13.87 0.11 -6.80
C ASP A 404 -14.73 -1.08 -6.38
N GLY A 405 -15.19 -1.85 -7.37
CA GLY A 405 -16.19 -2.89 -7.12
C GLY A 405 -17.50 -2.18 -6.81
N THR A 406 -18.08 -2.48 -5.66
CA THR A 406 -19.29 -1.78 -5.21
C THR A 406 -19.01 -0.58 -4.29
N VAL A 407 -17.74 -0.32 -3.98
CA VAL A 407 -17.37 0.72 -3.01
C VAL A 407 -16.96 2.01 -3.71
N THR A 408 -17.66 3.10 -3.38
CA THR A 408 -17.28 4.41 -3.86
C THR A 408 -16.08 4.95 -3.10
N LYS A 409 -15.04 5.29 -3.84
CA LYS A 409 -13.84 5.90 -3.29
C LYS A 409 -13.61 7.28 -3.87
N LEU A 410 -12.79 8.07 -3.18
CA LEU A 410 -12.56 9.47 -3.49
C LEU A 410 -11.12 9.71 -3.92
N ILE A 411 -10.94 10.55 -4.93
CA ILE A 411 -9.62 11.00 -5.36
C ILE A 411 -9.50 12.50 -5.10
N LEU A 412 -8.58 12.87 -4.22
CA LEU A 412 -8.36 14.28 -3.85
C LEU A 412 -7.18 14.85 -4.63
N ASP A 413 -7.51 15.62 -5.66
CA ASP A 413 -6.52 16.33 -6.45
C ASP A 413 -5.96 17.49 -5.63
N ALA A 414 -4.69 17.36 -5.23
CA ALA A 414 -4.08 18.28 -4.30
C ALA A 414 -2.71 18.72 -4.77
N THR A 415 -2.24 19.82 -4.21
CA THR A 415 -0.95 20.41 -4.55
C THR A 415 -0.21 20.76 -3.27
N LEU A 416 1.07 20.41 -3.23
CA LEU A 416 1.93 20.78 -2.12
C LEU A 416 2.28 22.25 -2.30
N ILE A 417 1.95 23.09 -1.31
CA ILE A 417 2.10 24.55 -1.46
C ILE A 417 3.18 25.20 -0.58
N ASN A 418 3.96 24.39 0.12
CA ASN A 418 5.08 24.92 0.92
C ASN A 418 6.27 23.97 0.93
N THR B 5 28.71 -30.79 17.70
CA THR B 5 28.30 -31.65 16.54
C THR B 5 26.79 -31.80 16.35
N THR B 6 25.98 -31.64 17.40
CA THR B 6 24.54 -31.48 17.20
C THR B 6 24.27 -30.01 16.89
N ALA B 7 23.52 -29.76 15.82
CA ALA B 7 23.16 -28.40 15.46
C ALA B 7 21.98 -27.93 16.28
N LEU B 8 21.91 -26.61 16.48
CA LEU B 8 20.82 -25.97 17.19
C LEU B 8 19.88 -25.35 16.17
N VAL B 9 18.59 -25.36 16.50
CA VAL B 9 17.57 -24.70 15.70
C VAL B 9 16.87 -23.70 16.61
N CYS B 10 16.94 -22.42 16.24
CA CYS B 10 16.36 -21.34 17.02
C CYS B 10 15.39 -20.55 16.14
N ASP B 11 14.10 -20.81 16.35
CA ASP B 11 13.05 -20.12 15.62
C ASP B 11 12.56 -18.97 16.46
N ASN B 12 13.05 -17.76 16.16
CA ASN B 12 12.72 -16.59 16.96
C ASN B 12 11.54 -15.79 16.40
N GLY B 13 10.46 -15.78 17.16
CA GLY B 13 9.24 -15.09 16.78
C GLY B 13 8.94 -13.84 17.59
N SER B 14 7.93 -13.11 17.17
CA SER B 14 7.49 -11.89 17.83
C SER B 14 7.04 -12.12 19.27
N GLY B 15 6.39 -13.25 19.51
CA GLY B 15 5.91 -13.60 20.84
C GLY B 15 6.72 -14.69 21.54
N LEU B 16 7.09 -15.73 20.79
CA LEU B 16 7.78 -16.88 21.37
C LEU B 16 9.04 -17.27 20.61
N VAL B 17 10.04 -17.74 21.36
CA VAL B 17 11.19 -18.43 20.80
C VAL B 17 10.97 -19.93 20.95
N LYS B 18 11.16 -20.64 19.84
CA LYS B 18 11.12 -22.10 19.83
C LYS B 18 12.54 -22.53 19.55
N ALA B 19 13.14 -23.29 20.46
CA ALA B 19 14.55 -23.65 20.33
C ALA B 19 14.77 -25.10 20.72
N GLY B 20 15.73 -25.73 20.05
CA GLY B 20 16.09 -27.10 20.35
C GLY B 20 17.21 -27.62 19.48
N PHE B 21 17.22 -28.93 19.30
CA PHE B 21 18.31 -29.61 18.61
C PHE B 21 17.85 -30.22 17.29
N ALA B 22 18.63 -29.99 16.24
CA ALA B 22 18.37 -30.61 14.95
C ALA B 22 18.37 -32.12 15.09
N GLY B 23 17.36 -32.75 14.49
CA GLY B 23 17.14 -34.19 14.63
C GLY B 23 16.00 -34.52 15.60
N ASP B 24 15.69 -33.60 16.52
CA ASP B 24 14.55 -33.79 17.41
C ASP B 24 13.26 -33.47 16.68
N ASP B 25 12.18 -34.08 17.16
CA ASP B 25 10.86 -33.94 16.56
C ASP B 25 10.13 -32.69 17.00
N ALA B 26 10.61 -32.07 18.09
CA ALA B 26 9.96 -30.92 18.67
C ALA B 26 11.00 -30.06 19.36
N PRO B 27 10.72 -28.76 19.52
CA PRO B 27 11.66 -27.90 20.24
C PRO B 27 11.66 -28.22 21.73
N ARG B 28 12.86 -28.23 22.29
CA ARG B 28 13.08 -28.51 23.71
C ARG B 28 12.50 -27.41 24.57
N ALA B 29 12.58 -26.20 24.05
CA ALA B 29 12.30 -25.02 24.83
C ALA B 29 11.41 -24.10 24.02
N VAL B 30 10.35 -23.62 24.66
CA VAL B 30 9.49 -22.60 24.08
C VAL B 30 9.27 -21.57 25.15
N PHE B 31 9.70 -20.35 24.88
CA PHE B 31 9.69 -19.33 25.91
C PHE B 31 9.42 -17.96 25.31
N PRO B 32 8.92 -17.03 26.14
CA PRO B 32 8.51 -15.74 25.60
C PRO B 32 9.67 -14.86 25.13
N SER B 33 9.43 -14.18 24.02
CA SER B 33 10.40 -13.32 23.37
C SER B 33 10.34 -11.92 24.00
N ILE B 34 10.74 -11.86 25.28
CA ILE B 34 10.66 -10.63 26.07
C ILE B 34 11.94 -10.42 26.85
N VAL B 35 12.26 -9.15 27.08
CA VAL B 35 13.35 -8.75 27.94
C VAL B 35 12.76 -7.74 28.96
N GLY B 36 13.23 -7.82 30.20
CA GLY B 36 12.77 -6.92 31.25
C GLY B 36 13.64 -5.68 31.32
N ARG B 37 13.02 -4.51 31.25
CA ARG B 37 13.74 -3.24 31.26
C ARG B 37 13.03 -2.19 32.12
N LYS B 50 24.08 -5.05 28.78
CA LYS B 50 24.62 -5.77 29.93
C LYS B 50 23.49 -6.22 30.83
N ASP B 51 23.81 -6.97 31.88
CA ASP B 51 22.79 -7.59 32.70
C ASP B 51 21.63 -7.89 31.79
N SER B 52 20.41 -7.90 32.31
CA SER B 52 19.26 -8.20 31.45
C SER B 52 18.25 -9.03 32.17
N TYR B 53 17.07 -9.21 31.57
CA TYR B 53 16.10 -10.15 32.14
C TYR B 53 15.30 -10.74 31.00
N VAL B 54 15.20 -12.06 30.93
CA VAL B 54 14.65 -12.71 29.73
C VAL B 54 13.64 -13.83 30.00
N GLY B 55 12.64 -13.94 29.13
CA GLY B 55 11.68 -15.04 29.18
C GLY B 55 10.70 -14.90 30.34
N ASP B 56 10.44 -15.99 31.04
CA ASP B 56 9.60 -15.94 32.25
C ASP B 56 10.41 -15.43 33.44
N GLU B 57 11.74 -15.40 33.27
CA GLU B 57 12.63 -14.69 34.19
C GLU B 57 12.82 -13.21 33.80
N ALA B 58 12.21 -12.79 32.68
CA ALA B 58 11.99 -11.36 32.40
C ALA B 58 10.74 -10.91 33.16
N GLN B 59 10.11 -11.89 33.79
CA GLN B 59 9.09 -11.66 34.82
C GLN B 59 9.73 -11.67 36.21
N SER B 60 11.03 -11.43 36.28
CA SER B 60 11.69 -11.09 37.55
C SER B 60 10.92 -9.94 38.16
N LYS B 61 10.58 -9.00 37.29
CA LYS B 61 9.65 -7.93 37.62
C LYS B 61 8.89 -7.47 36.36
N ARG B 62 7.63 -7.12 36.57
CA ARG B 62 6.88 -6.27 35.64
C ARG B 62 6.72 -4.91 36.34
N GLY B 63 7.71 -4.58 37.18
CA GLY B 63 7.61 -3.52 38.20
C GLY B 63 8.75 -2.53 38.18
N ILE B 64 9.88 -2.87 38.81
CA ILE B 64 11.11 -2.09 38.59
C ILE B 64 11.45 -2.22 37.10
N LEU B 65 10.95 -3.30 36.47
CA LEU B 65 11.04 -3.50 35.02
C LEU B 65 9.65 -3.50 34.37
N THR B 66 9.61 -3.18 33.09
CA THR B 66 8.48 -3.57 32.24
C THR B 66 8.98 -4.46 31.11
N LEU B 67 8.04 -5.22 30.56
CA LEU B 67 8.35 -6.21 29.54
C LEU B 67 8.55 -5.50 28.23
N LYS B 68 9.53 -5.97 27.48
CA LYS B 68 9.83 -5.42 26.17
C LYS B 68 9.97 -6.55 25.18
N TYR B 69 9.32 -6.41 24.02
CA TYR B 69 9.40 -7.40 22.94
C TYR B 69 10.40 -6.93 21.86
N PRO B 70 11.59 -7.56 21.77
CA PRO B 70 12.58 -7.09 20.76
C PRO B 70 12.26 -7.40 19.30
N ILE B 71 11.36 -8.35 19.06
CA ILE B 71 10.97 -8.71 17.70
C ILE B 71 9.56 -8.18 17.49
N GLU B 72 9.42 -7.25 16.55
CA GLU B 72 8.13 -6.63 16.27
C GLU B 72 7.70 -6.94 14.85
N HIS B 73 6.50 -7.49 14.72
CA HIS B 73 5.98 -7.91 13.42
C HIS B 73 7.01 -8.78 12.68
N GLY B 74 7.66 -9.67 13.43
CA GLY B 74 8.60 -10.64 12.86
C GLY B 74 10.01 -10.15 12.58
N ILE B 75 10.26 -8.86 12.82
CA ILE B 75 11.58 -8.26 12.56
C ILE B 75 12.26 -7.87 13.88
N ILE B 76 13.53 -8.21 14.02
CA ILE B 76 14.32 -7.81 15.18
C ILE B 76 14.53 -6.29 15.14
N THR B 77 14.13 -5.59 16.20
CA THR B 77 14.25 -4.13 16.23
C THR B 77 15.20 -3.60 17.32
N ASN B 78 15.59 -4.45 18.25
CA ASN B 78 16.58 -4.08 19.27
C ASN B 78 17.64 -5.16 19.39
N TRP B 79 18.84 -4.85 18.93
CA TRP B 79 19.93 -5.82 18.92
C TRP B 79 20.53 -6.16 20.30
N ASP B 80 20.60 -5.18 21.22
CA ASP B 80 21.06 -5.47 22.60
C ASP B 80 20.12 -6.47 23.26
N ASP B 81 18.82 -6.21 23.16
CA ASP B 81 17.83 -7.10 23.76
C ASP B 81 17.81 -8.48 23.11
N MET B 82 18.01 -8.54 21.79
CA MET B 82 18.04 -9.82 21.09
C MET B 82 19.26 -10.64 21.49
N GLU B 83 20.38 -9.96 21.74
CA GLU B 83 21.56 -10.63 22.30
C GLU B 83 21.22 -11.30 23.64
N LYS B 84 20.45 -10.62 24.47
CA LYS B 84 20.01 -11.20 25.74
C LYS B 84 19.13 -12.42 25.51
N ILE B 85 18.24 -12.34 24.52
CA ILE B 85 17.36 -13.47 24.21
C ILE B 85 18.18 -14.67 23.78
N TRP B 86 19.13 -14.43 22.88
CA TRP B 86 20.00 -15.50 22.41
C TRP B 86 20.92 -16.03 23.51
N HIS B 87 21.43 -15.15 24.36
CA HIS B 87 22.17 -15.58 25.56
C HIS B 87 21.33 -16.57 26.39
N HIS B 88 20.10 -16.17 26.70
CA HIS B 88 19.18 -17.00 27.48
C HIS B 88 18.90 -18.33 26.79
N THR B 89 18.77 -18.30 25.47
CA THR B 89 18.52 -19.50 24.66
C THR B 89 19.63 -20.53 24.83
N PHE B 90 20.87 -20.12 24.57
CA PHE B 90 22.02 -21.02 24.68
C PHE B 90 22.23 -21.52 26.11
N TYR B 91 22.44 -20.57 27.03
CA TYR B 91 22.92 -20.91 28.38
C TYR B 91 21.83 -21.36 29.33
N ASN B 92 20.65 -20.76 29.25
CA ASN B 92 19.61 -21.06 30.23
C ASN B 92 18.57 -22.07 29.76
N GLU B 93 18.17 -22.00 28.50
CA GLU B 93 17.13 -22.89 28.00
C GLU B 93 17.69 -24.21 27.49
N LEU B 94 18.70 -24.14 26.64
CA LEU B 94 19.28 -25.36 26.06
C LEU B 94 20.48 -25.88 26.85
N ARG B 95 21.08 -25.04 27.70
CA ARG B 95 22.30 -25.39 28.45
C ARG B 95 23.40 -25.95 27.56
N VAL B 96 23.74 -25.19 26.52
CA VAL B 96 24.87 -25.52 25.66
C VAL B 96 25.76 -24.31 25.51
N ALA B 97 26.98 -24.55 25.06
CA ALA B 97 27.89 -23.47 24.69
C ALA B 97 27.73 -23.17 23.21
N PRO B 98 27.56 -21.88 22.87
CA PRO B 98 27.41 -21.55 21.44
C PRO B 98 28.64 -21.90 20.61
N GLU B 99 29.82 -21.85 21.22
CA GLU B 99 31.07 -22.19 20.54
C GLU B 99 31.13 -23.64 20.07
N GLU B 100 30.23 -24.47 20.59
CA GLU B 100 30.28 -25.91 20.31
C GLU B 100 29.17 -26.41 19.37
N HIS B 101 28.34 -25.51 18.84
CA HIS B 101 27.19 -25.94 18.03
C HIS B 101 26.90 -25.02 16.85
N PRO B 102 26.88 -25.60 15.62
CA PRO B 102 26.35 -24.83 14.52
C PRO B 102 24.93 -24.45 14.85
N THR B 103 24.54 -23.25 14.48
CA THR B 103 23.26 -22.72 14.90
C THR B 103 22.46 -22.23 13.70
N LEU B 104 21.31 -22.84 13.48
CA LEU B 104 20.37 -22.40 12.46
C LEU B 104 19.36 -21.42 13.06
N LEU B 105 19.33 -20.20 12.53
CA LEU B 105 18.35 -19.19 12.93
C LEU B 105 17.28 -19.08 11.86
N THR B 106 16.11 -18.59 12.26
CA THR B 106 15.04 -18.35 11.29
C THR B 106 14.85 -16.84 11.15
N GLU B 107 14.28 -16.45 10.02
CA GLU B 107 14.00 -15.04 9.75
C GLU B 107 12.67 -14.92 9.06
N ALA B 108 12.07 -13.73 9.19
CA ALA B 108 10.85 -13.43 8.45
C ALA B 108 11.13 -13.29 6.96
N PRO B 109 10.11 -13.55 6.14
CA PRO B 109 10.14 -13.25 4.72
C PRO B 109 10.38 -11.76 4.55
N LEU B 110 11.21 -11.39 3.58
CA LEU B 110 11.55 -9.98 3.33
C LEU B 110 12.33 -9.33 4.49
N ASN B 111 12.99 -10.13 5.32
CA ASN B 111 13.89 -9.60 6.35
C ASN B 111 14.96 -8.75 5.67
N PRO B 112 15.14 -7.49 6.12
CA PRO B 112 16.10 -6.67 5.38
C PRO B 112 17.51 -7.26 5.37
N LYS B 113 18.27 -6.98 4.31
CA LYS B 113 19.61 -7.54 4.16
C LYS B 113 20.52 -7.18 5.33
N ALA B 114 20.42 -5.94 5.81
CA ALA B 114 21.26 -5.47 6.90
C ALA B 114 20.92 -6.19 8.21
N ASN B 115 19.65 -6.56 8.33
CA ASN B 115 19.20 -7.34 9.46
C ASN B 115 19.84 -8.72 9.52
N ARG B 116 19.82 -9.45 8.39
CA ARG B 116 20.46 -10.78 8.35
C ARG B 116 21.99 -10.73 8.46
N GLU B 117 22.59 -9.64 7.96
CA GLU B 117 24.01 -9.38 8.19
C GLU B 117 24.32 -9.18 9.68
N LYS B 118 23.47 -8.42 10.36
CA LYS B 118 23.67 -8.17 11.79
C LYS B 118 23.50 -9.45 12.63
N MET B 119 22.53 -10.29 12.24
CA MET B 119 22.30 -11.61 12.87
C MET B 119 23.58 -12.45 12.77
N THR B 120 24.17 -12.41 11.58
CA THR B 120 25.37 -13.16 11.26
C THR B 120 26.58 -12.65 12.06
N GLN B 121 26.77 -11.34 12.08
CA GLN B 121 27.84 -10.70 12.85
C GLN B 121 27.75 -11.06 14.34
N ILE B 122 26.56 -10.97 14.90
CA ILE B 122 26.36 -11.27 16.31
C ILE B 122 26.68 -12.74 16.61
N MET B 123 26.24 -13.64 15.75
CA MET B 123 26.46 -15.07 16.00
C MET B 123 27.96 -15.38 16.02
N PHE B 124 28.69 -14.82 15.07
CA PHE B 124 30.13 -15.08 14.96
C PHE B 124 31.00 -14.24 15.90
N GLU B 125 30.68 -12.95 16.06
CA GLU B 125 31.53 -12.05 16.86
C GLU B 125 31.21 -12.01 18.35
N THR B 126 29.93 -12.15 18.71
CA THR B 126 29.52 -12.13 20.10
C THR B 126 29.50 -13.55 20.67
N PHE B 127 28.82 -14.46 19.98
CA PHE B 127 28.65 -15.82 20.48
C PHE B 127 29.70 -16.81 20.02
N ASN B 128 30.51 -16.44 19.04
CA ASN B 128 31.61 -17.29 18.56
C ASN B 128 31.18 -18.68 18.12
N VAL B 129 30.04 -18.78 17.44
CA VAL B 129 29.57 -20.07 16.95
C VAL B 129 30.52 -20.62 15.90
N PRO B 130 30.60 -21.97 15.78
CA PRO B 130 31.49 -22.49 14.75
C PRO B 130 30.90 -22.37 13.34
N ALA B 131 29.59 -22.26 13.26
CA ALA B 131 28.89 -22.17 11.99
C ALA B 131 27.45 -21.75 12.24
N MET B 132 26.84 -21.15 11.23
CA MET B 132 25.43 -20.78 11.31
C MET B 132 24.80 -20.65 9.93
N TYR B 133 23.48 -20.46 9.94
CA TYR B 133 22.69 -20.28 8.74
C TYR B 133 21.40 -19.56 9.12
N VAL B 134 20.83 -18.81 8.19
CA VAL B 134 19.54 -18.13 8.40
C VAL B 134 18.56 -18.58 7.33
N ALA B 135 17.45 -19.17 7.76
CA ALA B 135 16.45 -19.71 6.86
C ALA B 135 15.12 -18.96 7.00
N ILE B 136 14.40 -18.85 5.89
CA ILE B 136 13.09 -18.18 5.88
C ILE B 136 12.06 -19.09 6.54
N GLN B 137 11.34 -18.53 7.52
CA GLN B 137 10.38 -19.30 8.33
C GLN B 137 9.33 -20.04 7.50
N ALA B 138 8.71 -19.35 6.54
CA ALA B 138 7.65 -19.94 5.72
C ALA B 138 8.18 -21.09 4.86
N VAL B 139 9.41 -20.98 4.36
CA VAL B 139 10.02 -22.05 3.57
C VAL B 139 10.23 -23.29 4.44
N LEU B 140 10.67 -23.10 5.68
CA LEU B 140 10.81 -24.21 6.61
C LEU B 140 9.47 -24.88 6.91
N SER B 141 8.42 -24.08 7.12
CA SER B 141 7.12 -24.69 7.41
C SER B 141 6.61 -25.49 6.22
N LEU B 142 6.81 -25.00 5.00
CA LEU B 142 6.41 -25.76 3.82
C LEU B 142 7.17 -27.08 3.76
N TYR B 143 8.47 -26.99 4.02
CA TYR B 143 9.34 -28.17 4.02
C TYR B 143 9.00 -29.20 5.08
N ALA B 144 8.51 -28.77 6.25
CA ALA B 144 8.11 -29.70 7.29
C ALA B 144 7.08 -30.72 6.81
N SER B 145 6.21 -30.33 5.89
CA SER B 145 5.21 -31.25 5.34
C SER B 145 5.70 -31.97 4.08
N GLY B 146 6.99 -31.86 3.79
CA GLY B 146 7.59 -32.55 2.66
C GLY B 146 7.35 -31.86 1.32
N ARG B 147 6.98 -30.59 1.35
CA ARG B 147 6.74 -29.84 0.11
C ARG B 147 7.86 -28.85 -0.18
N THR B 148 8.10 -28.63 -1.47
CA THR B 148 8.94 -27.54 -1.94
C THR B 148 8.16 -26.57 -2.84
N THR B 149 6.87 -26.84 -3.07
CA THR B 149 5.99 -25.94 -3.83
C THR B 149 4.65 -25.79 -3.12
N GLY B 150 4.23 -24.54 -2.98
CA GLY B 150 2.98 -24.23 -2.31
C GLY B 150 2.96 -22.78 -1.86
N ILE B 151 1.82 -22.37 -1.32
CA ILE B 151 1.72 -21.05 -0.72
C ILE B 151 1.39 -21.17 0.78
N VAL B 152 2.27 -20.57 1.58
CA VAL B 152 2.19 -20.64 3.02
C VAL B 152 1.48 -19.42 3.59
N LEU B 153 0.48 -19.68 4.43
CA LEU B 153 -0.06 -18.69 5.35
C LEU B 153 0.60 -18.94 6.71
N ASP B 154 1.52 -18.07 7.09
CA ASP B 154 2.21 -18.16 8.37
C ASP B 154 1.70 -17.02 9.24
N SER B 155 1.02 -17.35 10.33
CA SER B 155 0.44 -16.34 11.20
C SER B 155 0.79 -16.65 12.64
N GLY B 156 1.46 -15.70 13.29
CA GLY B 156 1.97 -15.89 14.64
C GLY B 156 1.34 -14.93 15.64
N ASP B 157 2.16 -14.37 16.51
CA ASP B 157 1.71 -13.44 17.54
C ASP B 157 1.73 -12.00 17.04
N GLY B 158 2.64 -11.70 16.11
CA GLY B 158 2.91 -10.34 15.66
C GLY B 158 2.70 -10.04 14.19
N VAL B 159 2.79 -11.05 13.34
CA VAL B 159 2.72 -10.80 11.91
C VAL B 159 2.11 -11.97 11.17
N THR B 160 1.45 -11.67 10.05
CA THR B 160 1.05 -12.74 9.14
C THR B 160 1.52 -12.49 7.71
N HIS B 161 2.06 -13.56 7.10
CA HIS B 161 2.54 -13.51 5.73
C HIS B 161 1.84 -14.56 4.86
N ASN B 162 1.67 -14.22 3.59
CA ASN B 162 1.46 -15.21 2.53
C ASN B 162 2.76 -15.31 1.75
N VAL B 163 3.31 -16.51 1.67
CA VAL B 163 4.58 -16.72 0.99
C VAL B 163 4.43 -17.84 -0.04
N PRO B 164 4.35 -17.46 -1.33
CA PRO B 164 4.36 -18.46 -2.39
C PRO B 164 5.77 -18.94 -2.67
N ILE B 165 5.92 -20.25 -2.81
CA ILE B 165 7.21 -20.91 -2.97
C ILE B 165 7.10 -21.89 -4.13
N TYR B 166 8.06 -21.83 -5.04
CA TYR B 166 8.08 -22.73 -6.18
C TYR B 166 9.43 -23.45 -6.26
N GLU B 167 9.37 -24.77 -6.12
CA GLU B 167 10.54 -25.65 -6.15
C GLU B 167 11.66 -25.17 -5.24
N GLY B 168 11.27 -24.82 -4.01
CA GLY B 168 12.19 -24.43 -2.95
C GLY B 168 12.49 -22.95 -2.83
N TYR B 169 12.05 -22.16 -3.80
CA TYR B 169 12.32 -20.71 -3.79
C TYR B 169 11.09 -19.89 -3.46
N ALA B 170 11.18 -19.11 -2.39
CA ALA B 170 10.19 -18.09 -2.10
C ALA B 170 10.22 -17.06 -3.22
N LEU B 171 9.05 -16.52 -3.56
CA LEU B 171 8.92 -15.58 -4.66
C LEU B 171 8.62 -14.20 -4.08
N PRO B 172 9.69 -13.41 -3.82
CA PRO B 172 9.58 -12.19 -3.02
C PRO B 172 8.58 -11.14 -3.55
N HIS B 173 8.45 -11.03 -4.86
CA HIS B 173 7.55 -10.04 -5.45
C HIS B 173 6.06 -10.35 -5.21
N ALA B 174 5.76 -11.57 -4.78
CA ALA B 174 4.38 -12.00 -4.52
C ALA B 174 4.06 -12.19 -3.03
N ILE B 175 5.03 -11.94 -2.17
CA ILE B 175 4.83 -12.05 -0.73
C ILE B 175 3.93 -10.93 -0.21
N MET B 176 2.93 -11.31 0.57
CA MET B 176 2.03 -10.36 1.22
C MET B 176 2.29 -10.40 2.73
N ARG B 177 2.17 -9.25 3.38
CA ARG B 177 2.41 -9.11 4.81
C ARG B 177 1.26 -8.31 5.41
N LEU B 178 0.69 -8.82 6.50
CA LEU B 178 -0.30 -8.10 7.28
C LEU B 178 0.19 -8.00 8.71
N ASP B 179 0.23 -6.79 9.25
CA ASP B 179 0.58 -6.57 10.65
C ASP B 179 -0.66 -6.75 11.50
N LEU B 180 -1.20 -7.96 11.42
CA LEU B 180 -2.39 -8.38 12.12
C LEU B 180 -2.16 -9.83 12.47
N ALA B 181 -2.11 -10.15 13.75
CA ALA B 181 -1.85 -11.54 14.16
C ALA B 181 -2.40 -11.79 15.57
N GLY B 182 -1.87 -12.81 16.26
CA GLY B 182 -2.46 -13.29 17.50
C GLY B 182 -2.63 -12.28 18.61
N ARG B 183 -1.64 -11.41 18.82
CA ARG B 183 -1.72 -10.42 19.90
C ARG B 183 -2.84 -9.41 19.66
N ASP B 184 -3.04 -9.04 18.41
CA ASP B 184 -4.15 -8.16 18.03
C ASP B 184 -5.48 -8.83 18.30
N LEU B 185 -5.57 -10.12 18.00
CA LEU B 185 -6.79 -10.89 18.27
C LEU B 185 -7.07 -10.98 19.76
N THR B 186 -6.02 -11.24 20.55
CA THR B 186 -6.15 -11.22 22.01
C THR B 186 -6.68 -9.88 22.50
N ASP B 187 -6.09 -8.79 22.02
CA ASP B 187 -6.47 -7.45 22.47
C ASP B 187 -7.90 -7.13 22.09
N TYR B 188 -8.32 -7.59 20.92
CA TYR B 188 -9.71 -7.40 20.45
C TYR B 188 -10.67 -8.21 21.31
N LEU B 189 -10.30 -9.44 21.66
CA LEU B 189 -11.13 -10.26 22.55
C LEU B 189 -11.29 -9.62 23.93
N MET B 190 -10.21 -9.02 24.46
CA MET B 190 -10.29 -8.27 25.73
C MET B 190 -11.35 -7.17 25.63
N LYS B 191 -11.31 -6.42 24.53
CA LYS B 191 -12.25 -5.32 24.30
C LYS B 191 -13.70 -5.78 24.27
N ILE B 192 -13.99 -6.80 23.46
CA ILE B 192 -15.38 -7.23 23.29
C ILE B 192 -15.91 -8.05 24.48
N LEU B 193 -15.03 -8.69 25.24
CA LEU B 193 -15.42 -9.31 26.53
C LEU B 193 -15.74 -8.23 27.55
N THR B 194 -14.97 -7.15 27.52
CA THR B 194 -15.23 -5.99 28.38
C THR B 194 -16.58 -5.35 28.02
N GLU B 195 -16.89 -5.30 26.73
CA GLU B 195 -18.19 -4.77 26.28
C GLU B 195 -19.37 -5.65 26.67
N ARG B 196 -19.09 -6.94 26.83
CA ARG B 196 -20.08 -7.90 27.32
C ARG B 196 -20.45 -7.68 28.79
N GLY B 197 -19.59 -6.96 29.52
CA GLY B 197 -19.81 -6.66 30.94
C GLY B 197 -18.69 -7.13 31.87
N TYR B 198 -17.69 -7.80 31.32
CA TYR B 198 -16.53 -8.21 32.09
C TYR B 198 -15.52 -7.05 32.06
N SER B 199 -14.35 -7.24 32.67
CA SER B 199 -13.30 -6.23 32.61
C SER B 199 -11.95 -6.90 32.46
N PHE B 200 -11.41 -6.88 31.24
CA PHE B 200 -10.09 -7.41 30.99
C PHE B 200 -9.26 -6.29 30.38
N VAL B 201 -8.31 -5.78 31.15
CA VAL B 201 -7.56 -4.60 30.74
C VAL B 201 -6.05 -4.66 31.05
N THR B 202 -5.66 -5.33 32.13
CA THR B 202 -4.26 -5.35 32.56
C THR B 202 -3.42 -6.36 31.78
N THR B 203 -2.10 -6.26 31.93
CA THR B 203 -1.17 -7.18 31.28
C THR B 203 -1.42 -8.64 31.70
N ALA B 204 -1.68 -8.88 32.98
CA ALA B 204 -2.01 -10.23 33.44
C ALA B 204 -3.35 -10.70 32.87
N GLU B 205 -4.33 -9.81 32.78
CA GLU B 205 -5.63 -10.14 32.19
C GLU B 205 -5.51 -10.40 30.69
N ARG B 206 -4.53 -9.79 30.04
CA ARG B 206 -4.24 -10.05 28.64
C ARG B 206 -3.80 -11.51 28.44
N GLU B 207 -2.98 -12.01 29.36
CA GLU B 207 -2.57 -13.41 29.34
C GLU B 207 -3.74 -14.37 29.53
N ILE B 208 -4.63 -14.02 30.44
CA ILE B 208 -5.84 -14.80 30.68
C ILE B 208 -6.66 -14.86 29.40
N VAL B 209 -6.86 -13.70 28.78
CA VAL B 209 -7.67 -13.65 27.57
C VAL B 209 -6.97 -14.36 26.41
N ARG B 210 -5.64 -14.33 26.38
CA ARG B 210 -4.92 -15.14 25.39
C ARG B 210 -5.27 -16.62 25.57
N ASP B 211 -5.32 -17.06 26.83
CA ASP B 211 -5.70 -18.44 27.15
C ASP B 211 -7.15 -18.74 26.73
N ILE B 212 -8.07 -17.81 26.97
CA ILE B 212 -9.47 -17.98 26.56
C ILE B 212 -9.55 -18.15 25.04
N LYS B 213 -8.82 -17.27 24.35
CA LYS B 213 -8.74 -17.28 22.90
C LYS B 213 -8.24 -18.62 22.38
N GLU B 214 -7.14 -19.10 22.95
CA GLU B 214 -6.54 -20.37 22.53
C GLU B 214 -7.39 -21.60 22.84
N LYS B 215 -8.29 -21.50 23.82
CA LYS B 215 -9.12 -22.65 24.22
C LYS B 215 -10.53 -22.66 23.63
N LEU B 216 -11.11 -21.49 23.38
CA LEU B 216 -12.53 -21.41 23.06
C LEU B 216 -12.90 -20.74 21.74
N CYS B 217 -11.98 -20.05 21.08
CA CYS B 217 -12.33 -19.37 19.84
C CYS B 217 -12.39 -20.34 18.65
N TYR B 218 -13.15 -19.96 17.63
CA TYR B 218 -13.22 -20.70 16.37
C TYR B 218 -13.63 -19.77 15.24
N VAL B 219 -13.34 -20.18 14.01
CA VAL B 219 -13.77 -19.42 12.84
C VAL B 219 -15.07 -19.99 12.32
N ALA B 220 -16.08 -19.13 12.19
CA ALA B 220 -17.39 -19.53 11.66
C ALA B 220 -17.29 -19.73 10.17
N LEU B 221 -18.03 -20.68 9.64
CA LEU B 221 -18.05 -20.91 8.20
C LEU B 221 -18.86 -19.81 7.49
N ASP B 222 -19.98 -19.44 8.09
CA ASP B 222 -20.80 -18.32 7.63
C ASP B 222 -20.96 -17.36 8.80
N PHE B 223 -20.29 -16.23 8.73
CA PHE B 223 -20.23 -15.32 9.87
C PHE B 223 -21.59 -14.68 10.20
N GLU B 224 -22.27 -14.14 9.20
CA GLU B 224 -23.57 -13.49 9.44
C GLU B 224 -24.61 -14.49 9.92
N ASN B 225 -24.58 -15.70 9.39
CA ASN B 225 -25.38 -16.79 9.95
C ASN B 225 -25.10 -17.04 11.42
N GLU B 226 -23.81 -17.15 11.75
CA GLU B 226 -23.39 -17.52 13.10
C GLU B 226 -23.83 -16.44 14.09
N MET B 227 -23.78 -15.19 13.64
CA MET B 227 -24.24 -14.05 14.45
C MET B 227 -25.76 -14.09 14.70
N ALA B 228 -26.53 -14.57 13.73
CA ALA B 228 -27.98 -14.72 13.90
C ALA B 228 -28.31 -15.84 14.89
N THR B 229 -27.62 -16.97 14.74
CA THR B 229 -27.76 -18.11 15.65
C THR B 229 -27.55 -17.69 17.10
N ALA B 230 -26.36 -17.17 17.37
CA ALA B 230 -25.96 -16.78 18.73
C ALA B 230 -26.96 -15.80 19.33
N ALA B 231 -27.49 -14.93 18.48
CA ALA B 231 -28.45 -13.89 18.87
C ALA B 231 -29.75 -14.45 19.42
N SER B 232 -30.13 -15.64 18.96
CA SER B 232 -31.45 -16.22 19.26
C SER B 232 -31.33 -17.65 19.77
N SER B 233 -30.20 -17.93 20.40
CA SER B 233 -29.91 -19.25 20.93
C SER B 233 -28.75 -19.10 21.90
N SER B 234 -28.75 -19.93 22.93
CA SER B 234 -27.66 -19.99 23.87
C SER B 234 -26.68 -21.10 23.49
N SER B 235 -26.92 -21.77 22.36
CA SER B 235 -26.14 -22.99 22.03
C SER B 235 -24.67 -22.79 21.64
N LEU B 236 -24.22 -21.55 21.45
CA LEU B 236 -22.82 -21.28 21.14
C LEU B 236 -22.02 -20.85 22.37
N GLU B 237 -22.68 -20.82 23.53
CA GLU B 237 -22.05 -20.35 24.77
C GLU B 237 -21.14 -21.39 25.38
N LYS B 238 -20.07 -20.90 25.97
CA LYS B 238 -19.06 -21.73 26.59
C LYS B 238 -18.68 -21.04 27.89
N SER B 239 -18.20 -21.80 28.87
CA SER B 239 -17.81 -21.22 30.15
C SER B 239 -16.30 -21.35 30.34
N TYR B 240 -15.73 -20.50 31.18
CA TYR B 240 -14.29 -20.48 31.42
C TYR B 240 -14.01 -20.04 32.84
N GLU B 241 -13.20 -20.83 33.54
CA GLU B 241 -12.90 -20.56 34.94
C GLU B 241 -11.62 -19.73 35.08
N LEU B 242 -11.80 -18.51 35.58
CA LEU B 242 -10.70 -17.62 35.91
C LEU B 242 -9.86 -18.19 37.06
N PRO B 243 -8.60 -17.74 37.18
CA PRO B 243 -7.71 -18.24 38.23
C PRO B 243 -8.25 -18.14 39.66
N ASP B 244 -9.10 -17.15 39.93
CA ASP B 244 -9.69 -17.00 41.27
C ASP B 244 -11.02 -17.74 41.45
N GLY B 245 -11.41 -18.52 40.44
CA GLY B 245 -12.58 -19.39 40.53
C GLY B 245 -13.84 -18.80 39.93
N GLN B 246 -13.86 -17.50 39.62
CA GLN B 246 -15.02 -16.93 38.94
C GLN B 246 -15.15 -17.62 37.58
N VAL B 247 -16.35 -18.12 37.28
CA VAL B 247 -16.58 -18.70 35.96
C VAL B 247 -17.38 -17.73 35.10
N ILE B 248 -16.83 -17.43 33.93
CA ILE B 248 -17.42 -16.50 33.01
C ILE B 248 -17.96 -17.23 31.80
N THR B 249 -18.81 -16.52 31.06
CA THR B 249 -19.43 -17.04 29.87
C THR B 249 -18.91 -16.27 28.67
N ILE B 250 -18.73 -17.00 27.57
CA ILE B 250 -18.35 -16.40 26.31
C ILE B 250 -19.28 -16.92 25.23
N GLY B 251 -19.78 -16.00 24.40
CA GLY B 251 -20.74 -16.32 23.35
C GLY B 251 -20.19 -16.05 21.96
N ASN B 252 -20.73 -15.03 21.29
CA ASN B 252 -20.36 -14.74 19.91
C ASN B 252 -18.94 -14.18 19.77
N GLU B 253 -18.35 -13.80 20.90
CA GLU B 253 -16.96 -13.34 20.96
C GLU B 253 -16.03 -14.49 20.55
N ARG B 254 -16.50 -15.72 20.76
CA ARG B 254 -15.77 -16.92 20.34
C ARG B 254 -15.35 -16.89 18.88
N PHE B 255 -16.25 -16.45 18.00
CA PHE B 255 -15.97 -16.43 16.57
C PHE B 255 -15.81 -15.02 16.00
N ARG B 256 -16.29 -13.99 16.69
CA ARG B 256 -16.01 -12.61 16.29
C ARG B 256 -14.52 -12.29 16.40
N CYS B 257 -13.86 -12.90 17.37
CA CYS B 257 -12.44 -12.64 17.59
C CYS B 257 -11.57 -13.04 16.39
N PRO B 258 -11.54 -14.34 16.00
CA PRO B 258 -10.75 -14.68 14.81
C PRO B 258 -11.36 -14.24 13.46
N GLU B 259 -12.63 -13.84 13.45
CA GLU B 259 -13.25 -13.24 12.24
C GLU B 259 -12.42 -12.06 11.74
N THR B 260 -11.78 -11.37 12.69
CA THR B 260 -10.88 -10.24 12.43
C THR B 260 -9.83 -10.54 11.35
N LEU B 261 -9.38 -11.78 11.25
CA LEU B 261 -8.39 -12.17 10.23
C LEU B 261 -8.97 -11.98 8.84
N PHE B 262 -10.25 -12.29 8.69
CA PHE B 262 -10.94 -12.15 7.41
C PHE B 262 -11.53 -10.76 7.24
N GLN B 263 -11.88 -10.13 8.34
CA GLN B 263 -12.39 -8.76 8.33
C GLN B 263 -11.57 -7.86 9.25
N PRO B 264 -10.44 -7.35 8.75
CA PRO B 264 -9.63 -6.52 9.64
C PRO B 264 -10.25 -5.19 10.07
N SER B 265 -11.35 -4.77 9.44
CA SER B 265 -12.10 -3.60 9.90
C SER B 265 -12.64 -3.75 11.33
N PHE B 266 -12.68 -4.98 11.85
CA PHE B 266 -13.14 -5.24 13.23
C PHE B 266 -12.25 -4.53 14.27
N ILE B 267 -10.95 -4.41 13.97
CA ILE B 267 -10.03 -3.67 14.83
C ILE B 267 -9.59 -2.36 14.19
N GLY B 268 -10.40 -1.85 13.26
CA GLY B 268 -10.12 -0.55 12.65
C GLY B 268 -9.14 -0.54 11.49
N MET B 269 -8.75 -1.71 10.97
CA MET B 269 -7.77 -1.76 9.88
C MET B 269 -8.48 -1.86 8.53
N GLU B 270 -7.93 -1.18 7.53
CA GLU B 270 -8.52 -1.14 6.20
C GLU B 270 -7.67 -1.89 5.21
N SER B 271 -7.02 -2.95 5.69
CA SER B 271 -6.29 -3.88 4.83
C SER B 271 -7.19 -4.99 4.34
N ALA B 272 -6.73 -5.68 3.31
CA ALA B 272 -7.30 -6.95 2.90
C ALA B 272 -7.21 -7.98 4.05
N GLY B 273 -8.21 -8.86 4.13
CA GLY B 273 -8.21 -10.00 5.04
C GLY B 273 -7.35 -11.13 4.50
N ILE B 274 -7.16 -12.17 5.30
CA ILE B 274 -6.20 -13.24 4.96
C ILE B 274 -6.57 -14.05 3.71
N HIS B 275 -7.87 -14.17 3.42
CA HIS B 275 -8.32 -14.82 2.19
C HIS B 275 -7.95 -13.98 0.97
N GLU B 276 -8.09 -12.68 1.09
CA GLU B 276 -7.81 -11.76 -0.02
C GLU B 276 -6.31 -11.59 -0.25
N THR B 277 -5.50 -11.57 0.82
CA THR B 277 -4.04 -11.55 0.66
C THR B 277 -3.51 -12.85 0.05
N THR B 278 -4.11 -13.98 0.41
CA THR B 278 -3.78 -15.27 -0.20
C THR B 278 -4.05 -15.22 -1.72
N TYR B 279 -5.22 -14.73 -2.09
CA TYR B 279 -5.58 -14.58 -3.50
C TYR B 279 -4.66 -13.57 -4.21
N ASN B 280 -4.43 -12.42 -3.59
CA ASN B 280 -3.52 -11.41 -4.17
C ASN B 280 -2.12 -11.98 -4.44
N SER B 281 -1.62 -12.75 -3.49
CA SER B 281 -0.31 -13.38 -3.60
C SER B 281 -0.24 -14.34 -4.80
N ILE B 282 -1.27 -15.18 -4.95
CA ILE B 282 -1.36 -16.12 -6.07
C ILE B 282 -1.43 -15.38 -7.40
N MET B 283 -2.20 -14.30 -7.43
CA MET B 283 -2.36 -13.51 -8.65
C MET B 283 -1.08 -12.76 -9.04
N LYS B 284 -0.17 -12.58 -8.10
CA LYS B 284 1.13 -11.98 -8.42
C LYS B 284 2.12 -12.98 -8.97
N CYS B 285 1.81 -14.27 -8.88
CA CYS B 285 2.68 -15.30 -9.43
C CYS B 285 2.36 -15.56 -10.89
N ASP B 286 3.36 -16.09 -11.58
CA ASP B 286 3.19 -16.53 -12.96
C ASP B 286 1.97 -17.42 -13.08
N ILE B 287 1.18 -17.13 -14.10
CA ILE B 287 -0.05 -17.85 -14.36
C ILE B 287 0.16 -19.37 -14.37
N ASP B 288 1.30 -19.82 -14.89
CA ASP B 288 1.57 -21.26 -15.00
C ASP B 288 1.70 -22.01 -13.67
N ILE B 289 2.02 -21.31 -12.59
CA ILE B 289 2.18 -21.98 -11.29
C ILE B 289 1.00 -21.78 -10.33
N ARG B 290 0.02 -20.97 -10.71
CA ARG B 290 -1.08 -20.63 -9.80
C ARG B 290 -1.89 -21.85 -9.34
N LYS B 291 -2.13 -22.80 -10.24
CA LYS B 291 -2.86 -24.03 -9.86
C LYS B 291 -2.10 -24.85 -8.83
N ASP B 292 -0.77 -24.92 -8.94
CA ASP B 292 0.05 -25.59 -7.92
C ASP B 292 -0.12 -24.94 -6.55
N LEU B 293 -0.24 -23.61 -6.54
CA LEU B 293 -0.39 -22.87 -5.29
C LEU B 293 -1.78 -23.10 -4.68
N TYR B 294 -2.82 -22.99 -5.50
CA TYR B 294 -4.18 -23.26 -5.05
C TYR B 294 -4.32 -24.67 -4.46
N ALA B 295 -3.60 -25.63 -5.04
CA ALA B 295 -3.65 -27.02 -4.58
C ALA B 295 -2.76 -27.31 -3.38
N ASN B 296 -1.95 -26.34 -2.97
CA ASN B 296 -0.99 -26.51 -1.88
C ASN B 296 -0.94 -25.25 -1.00
N ASN B 297 -2.11 -24.85 -0.50
CA ASN B 297 -2.21 -23.79 0.51
C ASN B 297 -1.87 -24.43 1.83
N VAL B 298 -0.75 -24.05 2.43
CA VAL B 298 -0.38 -24.63 3.71
C VAL B 298 -0.46 -23.58 4.81
N MET B 299 -0.95 -24.00 5.98
CA MET B 299 -1.05 -23.10 7.13
C MET B 299 0.00 -23.42 8.18
N SER B 300 0.58 -22.36 8.75
CA SER B 300 1.67 -22.46 9.70
C SER B 300 1.49 -21.41 10.79
N GLY B 301 1.82 -21.75 12.03
CA GLY B 301 1.86 -20.77 13.12
C GLY B 301 0.64 -20.82 14.02
N GLY B 302 0.82 -20.25 15.21
CA GLY B 302 -0.17 -20.39 16.28
C GLY B 302 -1.52 -19.81 15.94
N THR B 303 -1.54 -18.74 15.15
CA THR B 303 -2.78 -18.06 14.83
C THR B 303 -3.57 -18.74 13.70
N THR B 304 -3.00 -19.81 13.10
CA THR B 304 -3.76 -20.66 12.18
C THR B 304 -4.41 -21.87 12.87
N MET B 305 -4.34 -21.92 14.20
CA MET B 305 -4.81 -23.08 14.97
C MET B 305 -6.32 -23.12 15.20
N TYR B 306 -7.03 -22.05 14.84
CA TYR B 306 -8.49 -21.99 15.08
C TYR B 306 -9.25 -23.09 14.38
N PRO B 307 -10.10 -23.82 15.12
CA PRO B 307 -11.02 -24.72 14.45
C PRO B 307 -11.87 -23.96 13.46
N GLY B 308 -12.06 -24.51 12.27
CA GLY B 308 -12.89 -23.89 11.25
C GLY B 308 -12.16 -22.99 10.27
N ILE B 309 -10.89 -22.65 10.57
CA ILE B 309 -10.14 -21.75 9.71
C ILE B 309 -9.82 -22.33 8.32
N ALA B 310 -9.47 -23.61 8.25
CA ALA B 310 -9.19 -24.26 6.97
C ALA B 310 -10.45 -24.31 6.10
N ASP B 311 -11.59 -24.66 6.70
CA ASP B 311 -12.87 -24.67 5.95
C ASP B 311 -13.26 -23.29 5.48
N ARG B 312 -13.08 -22.28 6.33
CA ARG B 312 -13.46 -20.92 5.97
C ARG B 312 -12.58 -20.41 4.85
N MET B 313 -11.28 -20.68 4.92
CA MET B 313 -10.36 -20.29 3.86
C MET B 313 -10.75 -20.98 2.55
N GLN B 314 -11.05 -22.27 2.60
CA GLN B 314 -11.52 -23.01 1.41
C GLN B 314 -12.68 -22.27 0.74
N LYS B 315 -13.65 -21.90 1.56
CA LYS B 315 -14.86 -21.26 1.07
C LYS B 315 -14.59 -19.88 0.49
N GLU B 316 -13.76 -19.08 1.18
CA GLU B 316 -13.44 -17.74 0.70
C GLU B 316 -12.62 -17.75 -0.59
N ILE B 317 -11.64 -18.65 -0.66
CA ILE B 317 -10.79 -18.74 -1.86
C ILE B 317 -11.60 -19.30 -3.03
N THR B 318 -12.51 -20.23 -2.75
CA THR B 318 -13.43 -20.76 -3.75
C THR B 318 -14.26 -19.63 -4.39
N ALA B 319 -14.72 -18.66 -3.57
CA ALA B 319 -15.51 -17.53 -4.09
C ALA B 319 -14.71 -16.57 -4.95
N LEU B 320 -13.40 -16.48 -4.71
CA LEU B 320 -12.53 -15.61 -5.48
C LEU B 320 -11.98 -16.24 -6.75
N ALA B 321 -11.68 -17.53 -6.68
CA ALA B 321 -10.98 -18.22 -7.77
C ALA B 321 -11.96 -18.62 -8.88
N PRO B 322 -11.42 -18.94 -10.07
CA PRO B 322 -12.31 -19.51 -11.10
C PRO B 322 -13.04 -20.77 -10.63
N SER B 323 -14.29 -20.92 -11.07
CA SER B 323 -15.18 -22.00 -10.61
C SER B 323 -14.63 -23.39 -10.88
N THR B 324 -13.70 -23.50 -11.82
CA THR B 324 -13.05 -24.77 -12.14
C THR B 324 -11.82 -25.08 -11.28
N MET B 325 -11.44 -24.16 -10.38
CA MET B 325 -10.18 -24.31 -9.65
C MET B 325 -10.28 -25.33 -8.51
N LYS B 326 -9.26 -26.17 -8.42
CA LYS B 326 -9.16 -27.13 -7.33
C LYS B 326 -8.30 -26.56 -6.21
N ILE B 327 -8.90 -26.45 -5.05
CA ILE B 327 -8.30 -25.74 -3.93
C ILE B 327 -8.16 -26.71 -2.76
N LYS B 328 -6.95 -26.74 -2.20
CA LYS B 328 -6.68 -27.58 -1.04
C LYS B 328 -5.97 -26.78 0.04
N ILE B 329 -6.55 -26.75 1.23
CA ILE B 329 -5.91 -26.15 2.39
C ILE B 329 -5.33 -27.28 3.25
N ILE B 330 -4.03 -27.19 3.53
CA ILE B 330 -3.32 -28.16 4.35
C ILE B 330 -2.97 -27.52 5.69
N ALA B 331 -3.52 -28.08 6.76
CA ALA B 331 -3.35 -27.56 8.11
C ALA B 331 -3.01 -28.68 9.06
N PRO B 332 -1.73 -29.06 9.11
CA PRO B 332 -1.26 -30.14 9.98
C PRO B 332 -1.48 -29.82 11.47
N PRO B 333 -1.83 -30.83 12.28
CA PRO B 333 -2.00 -30.63 13.72
C PRO B 333 -0.76 -30.05 14.40
N GLU B 334 0.41 -30.27 13.80
CA GLU B 334 1.69 -29.80 14.35
C GLU B 334 2.06 -28.36 13.92
N ARG B 335 1.13 -27.67 13.22
CA ARG B 335 1.45 -26.37 12.54
C ARG B 335 2.09 -25.34 13.42
N LYS B 336 1.73 -25.38 14.67
CA LYS B 336 2.24 -24.47 15.66
C LYS B 336 3.77 -24.46 15.71
N TYR B 337 4.37 -25.59 15.36
CA TYR B 337 5.82 -25.73 15.38
C TYR B 337 6.38 -26.14 14.03
N SER B 338 5.60 -25.94 12.97
CA SER B 338 5.99 -26.33 11.61
C SER B 338 7.30 -25.71 11.18
N VAL B 339 7.49 -24.44 11.51
CA VAL B 339 8.71 -23.74 11.15
C VAL B 339 9.90 -24.42 11.84
N TRP B 340 9.77 -24.64 13.14
CA TRP B 340 10.86 -25.27 13.90
C TRP B 340 11.18 -26.66 13.38
N ILE B 341 10.14 -27.46 13.15
CA ILE B 341 10.30 -28.83 12.66
C ILE B 341 11.01 -28.84 11.31
N GLY B 342 10.64 -27.91 10.43
CA GLY B 342 11.28 -27.77 9.13
C GLY B 342 12.76 -27.44 9.25
N GLY B 343 13.10 -26.60 10.22
CA GLY B 343 14.49 -26.26 10.51
C GLY B 343 15.28 -27.44 11.04
N SER B 344 14.63 -28.24 11.90
CA SER B 344 15.24 -29.46 12.45
C SER B 344 15.55 -30.50 11.36
N ILE B 345 14.62 -30.66 10.42
CA ILE B 345 14.83 -31.55 9.28
C ILE B 345 15.94 -31.02 8.38
N LEU B 346 15.84 -29.74 8.02
CA LEU B 346 16.82 -29.11 7.12
C LEU B 346 18.25 -29.20 7.64
N ALA B 347 18.45 -28.82 8.91
CA ALA B 347 19.79 -28.81 9.52
C ALA B 347 20.37 -30.22 9.64
N SER B 348 19.49 -31.22 9.62
CA SER B 348 19.89 -32.62 9.67
C SER B 348 20.22 -33.23 8.30
N LEU B 349 19.90 -32.55 7.21
CA LEU B 349 20.06 -33.13 5.87
C LEU B 349 21.51 -33.21 5.48
N SER B 350 21.90 -34.35 4.91
CA SER B 350 23.26 -34.48 4.38
C SER B 350 23.61 -33.37 3.37
N THR B 351 22.71 -33.07 2.42
CA THR B 351 22.96 -32.06 1.39
C THR B 351 22.95 -30.61 1.91
N PHE B 352 22.46 -30.39 3.13
CA PHE B 352 22.51 -29.07 3.76
C PHE B 352 23.88 -28.74 4.35
N GLN B 353 24.69 -29.75 4.68
CA GLN B 353 25.90 -29.53 5.47
C GLN B 353 26.91 -28.61 4.77
N GLN B 354 26.97 -28.71 3.44
CA GLN B 354 27.77 -27.81 2.63
C GLN B 354 27.29 -26.35 2.65
N MET B 355 26.04 -26.13 3.08
CA MET B 355 25.42 -24.79 3.09
C MET B 355 25.70 -23.96 4.35
N TRP B 356 26.11 -24.60 5.45
CA TRP B 356 26.48 -23.85 6.67
C TRP B 356 27.54 -22.81 6.35
N ILE B 357 27.37 -21.61 6.91
CA ILE B 357 28.45 -20.62 6.91
C ILE B 357 29.37 -20.97 8.07
N THR B 358 30.63 -21.29 7.79
CA THR B 358 31.58 -21.58 8.87
C THR B 358 32.21 -20.27 9.37
N LYS B 359 32.79 -20.33 10.56
CA LYS B 359 33.50 -19.19 11.15
C LYS B 359 34.65 -18.74 10.25
N GLN B 360 35.31 -19.70 9.61
CA GLN B 360 36.36 -19.42 8.64
C GLN B 360 35.83 -18.60 7.46
N GLU B 361 34.67 -18.99 6.93
CA GLU B 361 34.04 -18.23 5.84
C GLU B 361 33.65 -16.83 6.29
N TYR B 362 33.21 -16.70 7.53
CA TYR B 362 32.90 -15.38 8.07
C TYR B 362 34.15 -14.50 8.12
N ASP B 363 35.25 -15.07 8.60
CA ASP B 363 36.52 -14.37 8.67
C ASP B 363 37.03 -13.95 7.29
N GLU B 364 36.79 -14.78 6.28
CA GLU B 364 37.21 -14.48 4.91
C GLU B 364 36.33 -13.44 4.23
N ALA B 365 35.04 -13.44 4.55
CA ALA B 365 34.06 -12.66 3.77
C ALA B 365 33.24 -11.63 4.54
N GLY B 366 33.18 -11.75 5.86
CA GLY B 366 32.41 -10.81 6.67
C GLY B 366 30.93 -11.12 6.61
N PRO B 367 30.10 -10.24 7.19
CA PRO B 367 28.67 -10.51 7.34
C PRO B 367 27.88 -10.70 6.04
N SER B 368 28.33 -10.10 4.94
CA SER B 368 27.61 -10.20 3.67
C SER B 368 27.71 -11.60 3.03
N ILE B 369 28.53 -12.47 3.62
CA ILE B 369 28.54 -13.89 3.24
C ILE B 369 27.14 -14.51 3.34
N VAL B 370 26.32 -13.99 4.26
CA VAL B 370 24.97 -14.53 4.47
C VAL B 370 24.10 -14.44 3.21
N HIS B 371 24.33 -13.44 2.37
CA HIS B 371 23.58 -13.34 1.11
C HIS B 371 24.03 -14.37 0.09
N ARG B 372 25.32 -14.67 0.09
CA ARG B 372 25.86 -15.65 -0.87
C ARG B 372 25.42 -17.06 -0.53
N LYS B 373 25.35 -17.38 0.76
CA LYS B 373 25.06 -18.76 1.17
C LYS B 373 23.61 -19.04 1.62
N CYS B 374 22.92 -18.05 2.17
CA CYS B 374 21.52 -18.24 2.59
C CYS B 374 20.57 -17.57 1.60
PA NAD C . 0.43 6.79 9.05
O1A NAD C . 1.52 6.67 10.09
O2A NAD C . 0.51 7.84 7.96
O5B NAD C . -1.00 6.96 9.79
C5B NAD C . -1.33 6.24 10.98
C4B NAD C . -2.74 6.65 11.42
O4B NAD C . -2.74 8.03 11.78
C3B NAD C . -3.77 6.51 10.30
O3B NAD C . -5.06 6.20 10.86
C2B NAD C . -3.79 7.89 9.66
O2B NAD C . -5.05 8.17 9.03
C1B NAD C . -3.58 8.76 10.88
N9A NAD C . -2.94 10.07 10.64
C8A NAD C . -1.74 10.30 10.09
N7A NAD C . -1.48 11.63 10.08
C5A NAD C . -2.52 12.25 10.66
C6A NAD C . -2.88 13.65 10.96
N6A NAD C . -2.03 14.66 10.63
N1A NAD C . -4.08 13.87 11.56
C2A NAD C . -4.93 12.88 11.89
N3A NAD C . -4.65 11.58 11.64
C4A NAD C . -3.49 11.22 11.03
O3 NAD C . 0.18 5.32 8.43
PN NAD C . 0.26 4.92 6.87
O1N NAD C . 0.83 6.06 6.04
O2N NAD C . -1.06 4.27 6.47
O5D NAD C . 1.32 3.73 6.98
C5D NAD C . 2.69 4.04 7.12
C4D NAD C . 3.43 2.90 6.46
O4D NAD C . 2.97 2.68 5.12
C3D NAD C . 4.85 3.39 6.35
O3D NAD C . 5.76 2.28 6.35
C2D NAD C . 4.83 4.11 5.01
O2D NAD C . 6.14 4.20 4.45
C1D NAD C . 3.91 3.22 4.18
N1N NAD C . 3.28 3.95 3.06
C2N NAD C . 1.97 4.29 3.06
C3N NAD C . 1.41 4.97 1.97
C7N NAD C . -0.05 5.37 1.94
O7N NAD C . -0.57 5.57 0.85
N7N NAD C . -0.76 5.51 3.06
C4N NAD C . 2.21 5.27 0.86
C5N NAD C . 3.55 4.89 0.88
C6N NAD C . 4.06 4.22 2.00
P PO4 D . 2.07 20.50 -36.60
O1 PO4 D . 0.92 20.58 -35.60
O2 PO4 D . 1.98 19.22 -37.42
O3 PO4 D . 2.04 21.69 -37.56
O4 PO4 D . 3.38 20.49 -35.84
C1 EDO E . -0.49 4.75 -2.76
O1 EDO E . 0.36 3.70 -3.24
C2 EDO E . -1.62 4.97 -3.77
O2 EDO E . -2.30 3.74 -4.04
C1 EDO F . 1.20 -6.25 1.51
O1 EDO F . 2.44 -6.95 1.44
C2 EDO F . 1.10 -5.29 0.32
O2 EDO F . 0.44 -4.07 0.69
C1 EDO G . -1.79 -6.41 -5.38
O1 EDO G . -0.47 -6.57 -5.89
C2 EDO G . -1.80 -6.68 -3.87
O2 EDO G . -0.98 -5.74 -3.18
C1 EDO H . -16.95 12.19 -10.11
O1 EDO H . -15.59 12.62 -10.08
C2 EDO H . -17.18 11.31 -11.33
O2 EDO H . -18.49 10.73 -11.26
C1 EDO I . -15.12 24.37 -3.63
O1 EDO I . -14.21 24.36 -4.73
C2 EDO I . -16.14 23.26 -3.81
O2 EDO I . -16.96 23.07 -2.64
C1 EDO J . -4.81 17.26 7.59
O1 EDO J . -5.74 18.21 8.13
C2 EDO J . -4.25 16.39 8.71
O2 EDO J . -3.84 17.18 9.84
C1 EDO K . -0.60 14.95 -24.28
O1 EDO K . 0.47 14.67 -25.21
C2 EDO K . -1.92 15.07 -25.04
O2 EDO K . -2.16 13.91 -25.85
C1 EDO L . -15.74 20.03 -38.15
O1 EDO L . -15.84 19.00 -39.14
C2 EDO L . -16.57 19.65 -36.93
O2 EDO L . -16.08 18.45 -36.33
C1 EDO M . -16.45 29.54 -35.35
O1 EDO M . -16.29 30.64 -34.44
C2 EDO M . -17.03 30.05 -36.67
O2 EDO M . -16.44 31.32 -37.01
C1 EDO N . 12.63 25.02 -11.01
O1 EDO N . 13.81 24.80 -10.22
C2 EDO N . 11.43 25.28 -10.11
O2 EDO N . 11.38 26.65 -9.69
C1 EDO O . -15.63 10.26 -31.06
O1 EDO O . -15.43 10.81 -32.36
C2 EDO O . -17.12 10.13 -30.80
O2 EDO O . -17.76 11.41 -30.81
C1 EDO P . -10.06 -5.07 -3.63
O1 EDO P . -10.26 -5.13 -5.05
C2 EDO P . -10.26 -3.63 -3.17
O2 EDO P . -11.06 -3.56 -1.96
C1 EDO Q . -14.51 -1.02 -11.26
O1 EDO Q . -14.35 -1.85 -10.10
C2 EDO Q . -15.91 -0.41 -11.30
O2 EDO Q . -16.82 -1.15 -10.48
C1 EDO R . -25.05 26.78 -23.40
O1 EDO R . -25.80 27.99 -23.32
C2 EDO R . -25.61 25.73 -22.44
O2 EDO R . -25.95 26.32 -21.18
C1 EDO S . -4.36 31.41 -24.86
O1 EDO S . -3.02 31.10 -25.26
C2 EDO S . -4.91 30.28 -24.01
O2 EDO S . -4.13 30.12 -22.82
C1 EDO T . 1.51 25.61 -22.41
O1 EDO T . 0.25 25.50 -21.77
C2 EDO T . 2.50 26.36 -21.51
O2 EDO T . 3.68 26.71 -22.26
C1 EDO U . -18.77 27.10 -5.39
O1 EDO U . -19.94 26.77 -4.64
C2 EDO U . -17.82 25.94 -5.22
O2 EDO U . -18.51 24.72 -5.54
C1 EDO V . -2.03 15.04 -14.22
O1 EDO V . -3.26 14.40 -14.58
C2 EDO V . -1.00 14.00 -13.81
O2 EDO V . -0.74 13.10 -14.89
C1 EDO W . -18.47 3.44 6.08
O1 EDO W . -19.43 2.99 5.11
C2 EDO W . -19.14 3.61 7.44
O2 EDO W . -20.43 4.22 7.33
C1 EDO X . 3.44 8.85 8.00
O1 EDO X . 2.68 8.96 6.78
C2 EDO X . 4.24 7.56 7.97
O2 EDO X . 5.57 7.76 7.47
C1 EDO Y . -4.75 0.17 6.86
O1 EDO Y . -5.62 0.45 7.95
C2 EDO Y . -3.48 -0.50 7.37
O2 EDO Y . -3.00 0.17 8.55
C1 EDO Z . -0.24 -2.76 -13.83
O1 EDO Z . 0.27 -1.82 -14.79
C2 EDO Z . 0.66 -3.98 -13.81
O2 EDO Z . 1.93 -3.71 -13.18
C1 EDO AA . -1.63 -3.66 -18.28
O1 EDO AA . -2.08 -3.03 -19.51
C2 EDO AA . -0.40 -2.94 -17.70
O2 EDO AA . 0.73 -2.86 -18.60
C1 EDO BA . -8.91 -10.51 -12.31
O1 EDO BA . -9.48 -9.22 -12.59
C2 EDO BA . -8.31 -10.49 -10.92
O2 EDO BA . -9.27 -10.85 -9.91
C1 EDO CA . -13.33 13.86 -20.24
O1 EDO CA . -13.12 14.41 -21.54
C2 EDO CA . -12.71 14.76 -19.17
O2 EDO CA . -11.29 14.63 -19.11
C1 EDO DA . 5.71 10.67 -16.34
O1 EDO DA . 4.53 11.47 -16.44
C2 EDO DA . 5.36 9.20 -16.51
O2 EDO DA . 6.28 8.56 -17.41
CA CA EA . 6.96 -17.17 13.77
PG ATP FA . 5.32 -14.19 14.64
O1G ATP FA . 6.60 -13.40 14.72
O2G ATP FA . 4.10 -13.34 14.37
O3G ATP FA . 5.40 -15.44 13.78
PB ATP FA . 5.49 -16.10 16.85
O1B ATP FA . 5.84 -15.85 18.29
O2B ATP FA . 6.44 -16.87 15.95
O3B ATP FA . 5.09 -14.68 16.18
PA ATP FA . 3.77 -18.38 17.07
O1A ATP FA . 3.68 -19.08 15.72
O2A ATP FA . 4.73 -18.89 18.13
O3A ATP FA . 4.04 -16.81 16.80
O5' ATP FA . 2.28 -18.37 17.67
C5' ATP FA . 1.97 -17.64 18.86
C4' ATP FA . 0.61 -16.97 18.69
O4' ATP FA . -0.36 -17.96 18.35
C3' ATP FA . 0.13 -16.31 19.98
O3' ATP FA . -0.57 -15.10 19.69
C2' ATP FA . -0.81 -17.31 20.58
O2' ATP FA . -1.82 -16.73 21.40
C1' ATP FA . -1.41 -17.93 19.32
N9 ATP FA . -1.90 -19.30 19.56
C8 ATP FA . -1.19 -20.33 20.06
N7 ATP FA . -1.97 -21.43 20.14
C5 ATP FA . -3.17 -21.10 19.66
C6 ATP FA . -4.46 -21.80 19.47
N6 ATP FA . -4.61 -23.10 19.79
N1 ATP FA . -5.48 -21.08 18.94
C2 ATP FA . -5.36 -19.79 18.61
N3 ATP FA . -4.22 -19.08 18.77
C4 ATP FA . -3.12 -19.69 19.28
S1 LAR GA . -1.24 -11.62 24.78
N1 LAR GA . 0.27 -12.40 22.96
O1 LAR GA . 2.15 -17.13 23.23
O2 LAR GA . 2.96 -15.97 25.06
O3 LAR GA . 3.03 -12.45 25.39
O4 LAR GA . 1.10 -13.76 25.48
O5 LAR GA . -1.92 -12.79 22.63
C1 LAR GA . 2.33 -17.13 24.44
C2 LAR GA . 1.92 -18.32 25.23
C3 LAR GA . 2.11 -18.57 26.56
C4 LAR GA . 2.74 -17.63 27.56
C5 LAR GA . 4.23 -17.81 27.90
C6 LAR GA . 4.37 -16.46 28.53
C7 LAR GA . 5.11 -15.89 29.48
C8 LAR GA . 4.55 -14.55 29.46
C9 LAR GA . 4.84 -13.35 29.91
C10 LAR GA . 3.78 -12.39 29.36
C11 LAR GA . 4.20 -11.69 28.04
C12 LAR GA . 4.85 -12.59 26.97
C13 LAR GA . 3.86 -13.37 26.09
C14 LAR GA . 4.59 -14.23 25.04
C15 LAR GA . 3.59 -15.01 24.19
C16 LAR GA . 2.58 -14.03 23.58
C17 LAR GA . 2.00 -13.04 24.60
C18 LAR GA . 1.23 -11.90 23.93
C19 LAR GA . 0.43 -11.05 24.92
C20 LAR GA . -0.99 -12.34 23.30
C21 LAR GA . 1.60 -19.85 27.14
C22 LAR GA . 3.25 -11.42 30.40
C1 EDO HA . 0.81 -7.61 16.30
O1 EDO HA . 0.80 -7.08 14.98
C2 EDO HA . 2.01 -7.12 17.10
O2 EDO HA . 1.61 -6.31 18.22
C1 EDO IA . 3.08 -4.34 22.08
O1 EDO IA . 2.11 -5.40 21.96
C2 EDO IA . 3.60 -4.28 23.52
O2 EDO IA . 2.51 -4.42 24.43
C1 EDO JA . -9.03 -1.92 18.14
O1 EDO JA . -10.37 -2.44 18.21
C2 EDO JA . -8.13 -2.65 19.13
O2 EDO JA . -8.60 -3.98 19.41
C1 EDO KA . -6.45 3.43 9.80
O1 EDO KA . -5.28 2.66 9.49
C2 EDO KA . -7.63 2.90 8.98
O2 EDO KA . -7.42 3.19 7.59
C1 EDO LA . 3.52 -27.74 7.05
O1 EDO LA . 3.96 -27.61 5.70
C2 EDO LA . 3.01 -26.38 7.55
O2 EDO LA . 2.35 -26.46 8.81
C1 EDO MA . -5.80 -18.01 -12.26
O1 EDO MA . -5.36 -16.69 -12.61
C2 EDO MA . -6.96 -17.93 -11.28
O2 EDO MA . -6.51 -17.24 -10.14
C1 EDO NA . -13.07 -23.38 -6.71
O1 EDO NA . -13.56 -24.68 -7.04
C2 EDO NA . -13.92 -22.33 -7.40
O2 EDO NA . -13.22 -21.09 -7.46
C1 EDO OA . 6.76 -36.25 1.08
O1 EDO OA . 7.95 -36.98 1.43
C2 EDO OA . 5.89 -36.04 2.33
O2 EDO OA . 6.53 -36.52 3.51
C1 EDO PA . 2.85 -33.94 -0.53
O1 EDO PA . 3.56 -33.99 -1.77
C2 EDO PA . 3.74 -34.45 0.59
O2 EDO PA . 3.74 -35.87 0.56
C1 EDO QA . 6.11 -30.06 -3.55
O1 EDO QA . 7.04 -31.14 -3.67
C2 EDO QA . 4.68 -30.55 -3.66
O2 EDO QA . 3.80 -29.43 -3.82
C1 EDO RA . 3.95 -25.58 -13.48
O1 EDO RA . 4.31 -26.51 -12.44
C2 EDO RA . 2.71 -26.06 -14.22
O2 EDO RA . 2.84 -27.44 -14.54
C1 EDO SA . 6.49 -14.93 -10.31
O1 EDO SA . 5.99 -16.27 -10.24
C2 EDO SA . 6.56 -14.34 -8.90
O2 EDO SA . 7.27 -13.10 -8.90
C1 EDO TA . 25.78 -11.95 26.06
O1 EDO TA . 25.07 -11.11 25.13
C2 EDO TA . 26.86 -12.72 25.32
O2 EDO TA . 26.93 -14.11 25.64
C1 EDO UA . 29.48 -15.32 24.31
O1 EDO UA . 28.36 -16.02 24.88
C2 EDO UA . 30.45 -16.32 23.71
O2 EDO UA . 31.11 -17.04 24.75
C1 EDO VA . -8.78 -12.52 37.17
O1 EDO VA . -9.85 -11.62 36.88
C2 EDO VA . -9.12 -13.33 38.41
O2 EDO VA . -8.43 -14.58 38.43
C1 EDO WA . -13.82 -10.67 34.69
O1 EDO WA . -14.53 -9.43 34.71
C2 EDO WA . -12.32 -10.42 34.50
O2 EDO WA . -11.71 -9.94 35.71
C1 EDO XA . -1.33 -20.47 29.03
O1 EDO XA . -2.10 -20.47 27.81
C2 EDO XA . -1.89 -19.43 30.00
O2 EDO XA . -0.87 -18.53 30.49
C1 EDO YA . -23.94 -16.14 22.70
O1 EDO YA . -25.08 -16.94 22.40
C2 EDO YA . -24.35 -14.67 22.79
O2 EDO YA . -23.30 -13.75 22.47
C1 EDO ZA . -8.57 -21.80 19.33
O1 EDO ZA . -7.75 -22.39 18.32
C2 EDO ZA . -9.48 -22.87 19.94
O2 EDO ZA . -8.72 -23.98 20.42
C1 EDO AB . -14.71 -11.71 4.59
O1 EDO AB . -15.11 -13.07 4.44
C2 EDO AB . -15.92 -10.79 4.52
O2 EDO AB . -15.66 -9.63 3.72
C1 EDO BB . -14.75 -4.99 6.00
O1 EDO BB . -15.34 -5.95 6.88
C2 EDO BB . -13.36 -5.45 5.59
O2 EDO BB . -12.56 -5.75 6.75
C1 EDO CB . -11.83 -7.97 3.91
O1 EDO CB . -13.04 -8.45 4.50
C2 EDO CB . -11.74 -8.51 2.49
O2 EDO CB . -10.39 -8.83 2.16
C1 EDO DB . -10.50 -15.29 -10.27
O1 EDO DB . -11.69 -15.98 -10.70
C2 EDO DB . -9.64 -14.95 -11.46
O2 EDO DB . -8.24 -15.00 -11.14
C1 EDO EB . -2.72 -12.40 -15.12
O1 EDO EB . -3.96 -13.10 -15.03
C2 EDO EB . -2.59 -11.43 -13.94
O2 EDO EB . -1.47 -10.55 -14.13
C1 EDO FB . -4.47 -20.45 -13.97
O1 EDO FB . -5.65 -20.66 -14.76
C2 EDO FB . -3.37 -21.40 -14.45
O2 EDO FB . -2.40 -21.66 -13.44
C1 EDO GB . 15.29 -21.47 3.16
O1 EDO GB . 15.61 -20.14 3.55
C2 EDO GB . 16.50 -22.12 2.49
O2 EDO GB . 16.79 -23.41 3.05
#